data_5XVT
#
_entry.id   5XVT
#
_cell.length_a   101.220
_cell.length_b   185.340
_cell.length_c   99.170
_cell.angle_alpha   90.00
_cell.angle_beta   90.00
_cell.angle_gamma   90.00
#
_symmetry.space_group_name_H-M   'C 2 2 21'
#
loop_
_entity.id
_entity.type
_entity.pdbx_description
1 polymer Transketolase
2 non-polymer 'CALCIUM ION'
3 non-polymer DI(HYDROXYETHYL)ETHER
4 non-polymer '2-[(2R)-3-[(4-azanyl-2-methyl-pyrimidin-5-yl)methyl]-4-methyl-2-oxidanyl-2H-1,3-thiazol-5-yl]ethyl phosphono hydrogen phosphate'
5 water water
#
_entity_poly.entity_id   1
_entity_poly.type   'polypeptide(L)'
_entity_poly.pdbx_seq_one_letter_code
;MGSSHHHHHHSSGLVPRGSHMSSVDQKAISTIRLLAVDAVAAANSGHPGAPLGLAPAAHAVFKKMRFNPKDTKWINRDRF
VLSNGHACALLYSMLVLYGYDLTVEDLKKFRQLGSKTPGHPENTDVPGAEVTTGPLGQGICNGVGIALAQAQFAATYNKP
DFPISDSYTYVFLGDGCLMEGVSSEASSLAGHLQLGNLIAFWDDNKISIDGSTEVAFTEDVIARYKSYGWHIVEVSDADT
DITAIAAAIDEAKKVTNKPTLVRLTTTIGFGSLAQGTHGVHGAPLKADDIKQLKTKWGFNPEESFAVPAEVTASYNEHVA
ENQKIQQQWNELFAAYKQKYPELGAELQRRLDGKLPENWDKALPVYTPADAAVATRKLSEIVLSKIIPEVPEIIGGSADL
TPSNLTKAKGTVDFQPAATGLGDYSGRYIRYGVREHAMGAIMNGIAAFGANYKNYGGTFLNFVSYAAGAVRLSALSEFPI
TWVATHDSIGLGEDGPTHQPIETLAHFRATPNISVWRPADGNETSAAYKSAIESTHTPHILALTRQNLPQLEGSSIEKAS
KGGYTLVQQDKADIIIVATGSEVSLAVDALKVLEGQGIKAGVVSLPDQLTFDKQSEEYKLSVLPDGVPILSVEVMSTFGW
SKYSHQQFGLNRFGASGKAPEIFKLFEFTPEGVAERAAKTVAFYKGKDVVSPLRSAF
;
_entity_poly.pdbx_strand_id   A
#
loop_
_chem_comp.id
_chem_comp.type
_chem_comp.name
_chem_comp.formula
8FL non-polymer '2-[(2R)-3-[(4-azanyl-2-methyl-pyrimidin-5-yl)methyl]-4-methyl-2-oxidanyl-2H-1,3-thiazol-5-yl]ethyl phosphono hydrogen phosphate' 'C12 H20 N4 O8 P2 S'
CA non-polymer 'CALCIUM ION' 'Ca 2'
PEG non-polymer DI(HYDROXYETHYL)ETHER 'C4 H10 O3'
#
# COMPACT_ATOMS: atom_id res chain seq x y z
N SER A 23 32.00 16.07 22.18
CA SER A 23 32.55 15.35 21.02
C SER A 23 31.77 15.73 19.76
N VAL A 24 32.25 15.33 18.57
CA VAL A 24 31.47 15.61 17.37
C VAL A 24 30.15 14.85 17.37
N ASP A 25 30.14 13.60 17.85
CA ASP A 25 28.89 12.86 17.95
C ASP A 25 27.89 13.56 18.87
N GLN A 26 28.36 14.06 20.02
CA GLN A 26 27.47 14.80 20.90
C GLN A 26 26.94 16.04 20.20
N LYS A 27 27.80 16.75 19.48
CA LYS A 27 27.36 17.93 18.76
C LYS A 27 26.34 17.56 17.67
N ALA A 28 26.54 16.43 17.00
CA ALA A 28 25.57 16.01 15.98
C ALA A 28 24.21 15.74 16.60
N ILE A 29 24.18 15.03 17.73
CA ILE A 29 22.93 14.75 18.41
C ILE A 29 22.22 16.03 18.80
N SER A 30 22.96 16.99 19.37
CA SER A 30 22.36 18.27 19.71
C SER A 30 21.84 18.99 18.49
N THR A 31 22.60 18.94 17.38
CA THR A 31 22.18 19.58 16.15
C THR A 31 20.84 19.02 15.68
N ILE A 32 20.72 17.69 15.67
CA ILE A 32 19.48 17.03 15.26
C ILE A 32 18.32 17.50 16.14
N ARG A 33 18.53 17.42 17.46
CA ARG A 33 17.49 17.82 18.42
C ARG A 33 17.02 19.24 18.15
N LEU A 34 17.98 20.15 17.97
CA LEU A 34 17.66 21.56 17.84
C LEU A 34 17.07 21.90 16.48
N LEU A 35 17.51 21.22 15.41
CA LEU A 35 16.84 21.39 14.12
C LEU A 35 15.37 21.01 14.23
N ALA A 36 15.09 19.88 14.89
CA ALA A 36 13.71 19.43 14.99
C ALA A 36 12.87 20.42 15.79
N VAL A 37 13.40 20.87 16.93
CA VAL A 37 12.66 21.82 17.77
C VAL A 37 12.46 23.15 17.05
N ASP A 38 13.49 23.61 16.33
CA ASP A 38 13.38 24.85 15.60
C ASP A 38 12.37 24.75 14.45
N ALA A 39 12.28 23.58 13.80
CA ALA A 39 11.30 23.39 12.75
C ALA A 39 9.88 23.47 13.31
N VAL A 40 9.63 22.77 14.41
CA VAL A 40 8.34 22.83 15.08
C VAL A 40 8.03 24.28 15.50
N ALA A 41 9.05 24.99 16.01
CA ALA A 41 8.85 26.36 16.45
C ALA A 41 8.44 27.26 15.30
N ALA A 42 9.10 27.11 14.14
CA ALA A 42 8.82 27.94 12.98
C ALA A 42 7.40 27.73 12.49
N ALA A 43 6.95 26.47 12.50
CA ALA A 43 5.59 26.15 12.07
C ALA A 43 4.55 26.54 13.12
N ASN A 44 4.99 26.68 14.35
CA ASN A 44 4.07 26.74 15.49
C ASN A 44 3.09 25.58 15.46
N SER A 45 3.59 24.40 15.10
CA SER A 45 2.79 23.20 14.94
C SER A 45 3.73 22.01 14.88
N GLY A 46 3.31 20.90 15.44
CA GLY A 46 4.05 19.65 15.32
C GLY A 46 4.56 19.13 16.65
N HIS A 47 5.45 18.14 16.52
CA HIS A 47 5.72 17.18 17.58
C HIS A 47 7.19 17.19 17.93
N PRO A 48 7.60 17.83 19.04
CA PRO A 48 9.03 17.90 19.38
C PRO A 48 9.48 16.77 20.29
N GLY A 49 8.56 16.08 20.97
CA GLY A 49 8.94 15.20 22.06
C GLY A 49 9.72 13.97 21.59
N ALA A 50 9.13 13.20 20.69
CA ALA A 50 9.82 12.00 20.23
C ALA A 50 11.09 12.34 19.45
N PRO A 51 11.14 13.42 18.64
CA PRO A 51 12.43 13.78 18.05
C PRO A 51 13.53 14.01 19.06
N LEU A 52 13.21 14.73 20.16
CA LEU A 52 14.20 14.94 21.22
C LEU A 52 14.67 13.62 21.82
N GLY A 53 13.73 12.71 22.07
CA GLY A 53 14.06 11.44 22.69
C GLY A 53 14.81 10.48 21.79
N LEU A 54 14.56 10.54 20.48
CA LEU A 54 15.11 9.57 19.54
C LEU A 54 16.32 10.08 18.77
N ALA A 55 16.77 11.32 19.00
CA ALA A 55 17.93 11.81 18.27
C ALA A 55 19.18 10.96 18.48
N PRO A 56 19.52 10.50 19.69
CA PRO A 56 20.70 9.64 19.81
C PRO A 56 20.59 8.38 18.97
N ALA A 57 19.42 7.73 19.04
CA ALA A 57 19.22 6.52 18.26
C ALA A 57 19.27 6.80 16.76
N ALA A 58 18.67 7.90 16.31
CA ALA A 58 18.72 8.23 14.89
C ALA A 58 20.16 8.44 14.44
N HIS A 59 20.93 9.20 15.22
CA HIS A 59 22.33 9.38 14.90
C HIS A 59 23.04 8.02 14.76
N ALA A 60 22.86 7.15 15.76
CA ALA A 60 23.56 5.87 15.75
C ALA A 60 23.14 4.99 14.57
N VAL A 61 21.83 4.92 14.31
CA VAL A 61 21.34 4.07 13.23
C VAL A 61 21.82 4.58 11.88
N PHE A 62 21.69 5.88 11.63
CA PHE A 62 22.13 6.39 10.33
C PHE A 62 23.63 6.19 10.12
N LYS A 63 24.44 6.26 11.18
CA LYS A 63 25.86 5.98 11.04
C LYS A 63 26.13 4.53 10.63
N LYS A 64 25.26 3.59 11.02
CA LYS A 64 25.38 2.17 10.63
C LYS A 64 24.81 1.92 9.24
N MET A 65 23.88 2.75 8.77
CA MET A 65 23.20 2.52 7.51
C MET A 65 24.08 2.85 6.31
N ARG A 66 23.86 2.06 5.25
CA ARG A 66 24.41 2.29 3.93
C ARG A 66 23.33 2.90 3.04
N PHE A 67 23.61 4.08 2.51
CA PHE A 67 22.66 4.84 1.70
C PHE A 67 23.43 5.88 0.92
N ASN A 68 22.82 6.34 -0.16
CA ASN A 68 23.39 7.41 -0.98
C ASN A 68 22.37 8.53 -1.07
N PRO A 69 22.60 9.69 -0.44
CA PRO A 69 21.67 10.82 -0.55
C PRO A 69 21.45 11.28 -1.98
N LYS A 70 22.40 10.99 -2.87
CA LYS A 70 22.30 11.35 -4.28
C LYS A 70 21.72 10.22 -5.14
N ASP A 71 21.40 9.08 -4.55
CA ASP A 71 20.72 8.01 -5.28
C ASP A 71 19.81 7.27 -4.30
N THR A 72 18.63 7.84 -4.12
CA THR A 72 17.65 7.32 -3.19
C THR A 72 17.11 5.95 -3.57
N LYS A 73 17.38 5.47 -4.78
CA LYS A 73 16.82 4.22 -5.27
C LYS A 73 17.86 3.10 -5.38
N TRP A 74 19.09 3.31 -4.88
CA TRP A 74 20.08 2.23 -4.91
C TRP A 74 19.47 0.98 -4.29
N ILE A 75 19.44 -0.14 -5.03
CA ILE A 75 18.60 -1.25 -4.58
C ILE A 75 19.16 -1.98 -3.39
N ASN A 76 20.46 -1.83 -3.13
CA ASN A 76 21.10 -2.47 -1.98
C ASN A 76 21.29 -1.52 -0.80
N ARG A 77 20.59 -0.38 -0.79
CA ARG A 77 20.63 0.48 0.39
C ARG A 77 19.96 -0.21 1.58
N ASP A 78 20.42 0.12 2.79
CA ASP A 78 19.58 -0.13 3.95
C ASP A 78 18.38 0.81 3.88
N ARG A 79 17.23 0.33 4.35
CA ARG A 79 16.04 1.18 4.44
C ARG A 79 15.79 1.59 5.90
N PHE A 80 15.28 2.80 6.06
CA PHE A 80 14.82 3.31 7.36
C PHE A 80 13.34 3.69 7.22
N VAL A 81 12.56 3.32 8.25
CA VAL A 81 11.15 3.67 8.30
C VAL A 81 10.83 4.28 9.66
N LEU A 82 10.23 5.48 9.65
CA LEU A 82 9.75 6.14 10.86
C LEU A 82 8.26 5.81 11.02
N SER A 83 7.97 4.75 11.78
CA SER A 83 6.59 4.32 11.97
C SER A 83 5.79 5.31 12.82
N ASN A 84 6.46 5.92 13.80
CA ASN A 84 5.88 7.01 14.59
C ASN A 84 6.05 8.31 13.80
N GLY A 85 5.26 8.41 12.73
CA GLY A 85 5.49 9.42 11.71
C GLY A 85 5.32 10.85 12.19
N HIS A 86 4.56 11.06 13.26
CA HIS A 86 4.45 12.38 13.84
C HIS A 86 5.81 12.95 14.24
N ALA A 87 6.79 12.07 14.48
CA ALA A 87 8.15 12.47 14.83
C ALA A 87 8.97 12.90 13.62
N CYS A 88 8.32 13.20 12.49
CA CYS A 88 9.05 13.43 11.25
C CYS A 88 10.00 14.62 11.26
N ALA A 89 9.89 15.59 12.17
CA ALA A 89 10.93 16.61 12.21
C ALA A 89 12.30 15.96 12.42
N LEU A 90 12.35 14.82 13.13
CA LEU A 90 13.58 14.05 13.29
C LEU A 90 14.08 13.51 11.95
N LEU A 91 13.21 12.82 11.21
CA LEU A 91 13.60 12.28 9.90
C LEU A 91 14.08 13.39 8.99
N TYR A 92 13.32 14.48 8.90
CA TYR A 92 13.72 15.56 7.99
C TYR A 92 15.08 16.14 8.38
N SER A 93 15.33 16.27 9.67
CA SER A 93 16.63 16.75 10.13
C SER A 93 17.76 15.82 9.68
N MET A 94 17.57 14.50 9.80
CA MET A 94 18.58 13.56 9.33
C MET A 94 18.85 13.71 7.83
N LEU A 95 17.76 13.80 7.06
CA LEU A 95 17.90 13.89 5.61
C LEU A 95 18.61 15.18 5.20
N VAL A 96 18.29 16.28 5.87
CA VAL A 96 18.99 17.54 5.62
C VAL A 96 20.47 17.43 5.95
N LEU A 97 20.78 16.89 7.14
CA LEU A 97 22.17 16.83 7.57
C LEU A 97 23.01 15.95 6.64
N TYR A 98 22.42 14.91 6.07
CA TYR A 98 23.11 14.00 5.17
C TYR A 98 23.08 14.46 3.71
N GLY A 99 22.49 15.60 3.39
CA GLY A 99 22.59 16.11 2.04
C GLY A 99 21.71 15.41 1.04
N TYR A 100 20.57 14.86 1.49
CA TYR A 100 19.50 14.54 0.57
C TYR A 100 19.00 15.83 -0.08
N ASP A 101 18.08 15.68 -1.03
CA ASP A 101 17.47 16.81 -1.74
C ASP A 101 16.40 17.47 -0.87
N LEU A 102 16.85 17.98 0.28
CA LEU A 102 16.03 18.57 1.33
C LEU A 102 16.99 19.46 2.11
N THR A 103 16.61 20.71 2.35
CA THR A 103 17.54 21.69 2.89
C THR A 103 16.99 22.31 4.18
N VAL A 104 17.85 23.08 4.85
CA VAL A 104 17.39 23.89 5.97
C VAL A 104 16.25 24.80 5.57
N GLU A 105 16.29 25.35 4.35
CA GLU A 105 15.16 26.19 3.91
C GLU A 105 13.86 25.40 3.87
N ASP A 106 13.93 24.12 3.48
CA ASP A 106 12.74 23.27 3.56
C ASP A 106 12.29 23.04 5.00
N LEU A 107 13.24 22.87 5.94
CA LEU A 107 12.87 22.72 7.36
C LEU A 107 12.16 23.94 7.89
N LYS A 108 12.55 25.12 7.43
CA LYS A 108 11.89 26.34 7.86
C LYS A 108 10.45 26.40 7.40
N LYS A 109 10.10 25.59 6.39
CA LYS A 109 8.76 25.50 5.83
C LYS A 109 8.03 24.24 6.29
N PHE A 110 8.48 23.64 7.40
CA PHE A 110 7.80 22.49 7.99
C PHE A 110 6.32 22.83 8.15
N ARG A 111 5.46 21.89 7.71
CA ARG A 111 4.01 22.00 7.93
C ARG A 111 3.38 23.17 7.20
N GLN A 112 4.07 23.76 6.22
CA GLN A 112 3.52 24.87 5.44
C GLN A 112 3.04 24.37 4.09
N LEU A 113 1.95 24.97 3.63
CA LEU A 113 1.31 24.50 2.41
C LEU A 113 2.31 24.43 1.26
N GLY A 114 2.37 23.27 0.62
CA GLY A 114 3.21 23.08 -0.55
C GLY A 114 4.65 22.71 -0.26
N SER A 115 5.04 22.60 1.00
CA SER A 115 6.46 22.37 1.29
C SER A 115 6.84 20.90 1.08
N LYS A 116 8.17 20.67 1.06
CA LYS A 116 8.74 19.31 1.02
C LYS A 116 8.87 18.71 2.40
N THR A 117 8.31 19.38 3.41
CA THR A 117 8.38 18.94 4.80
C THR A 117 6.98 18.91 5.42
N PRO A 118 6.10 18.05 4.89
CA PRO A 118 4.73 17.97 5.42
C PRO A 118 4.73 17.41 6.85
N GLY A 119 3.59 17.63 7.53
CA GLY A 119 3.46 17.26 8.92
C GLY A 119 3.55 15.79 9.25
N HIS A 120 3.38 14.92 8.26
CA HIS A 120 3.73 13.50 8.34
C HIS A 120 4.45 13.15 7.05
N PRO A 121 5.37 12.18 7.07
CA PRO A 121 6.19 11.96 5.87
C PRO A 121 5.41 11.28 4.78
N GLU A 122 5.61 11.76 3.55
CA GLU A 122 4.96 11.24 2.36
CA GLU A 122 4.95 11.30 2.33
C GLU A 122 6.03 10.84 1.36
N ASN A 123 6.02 9.55 0.95
CA ASN A 123 7.04 9.08 0.01
C ASN A 123 6.97 9.79 -1.33
N THR A 124 5.80 10.26 -1.76
CA THR A 124 5.73 10.95 -3.05
C THR A 124 6.43 12.31 -3.03
N ASP A 125 6.56 12.93 -1.85
CA ASP A 125 6.95 14.34 -1.69
C ASP A 125 8.33 14.52 -1.09
N VAL A 126 8.79 13.54 -0.30
CA VAL A 126 9.98 13.71 0.56
C VAL A 126 11.07 12.77 0.12
N PRO A 127 12.18 13.30 -0.42
CA PRO A 127 13.29 12.41 -0.79
C PRO A 127 13.82 11.71 0.46
N GLY A 128 13.97 10.37 0.38
CA GLY A 128 14.43 9.60 1.52
C GLY A 128 13.33 9.10 2.44
N ALA A 129 12.07 9.42 2.17
CA ALA A 129 10.94 8.81 2.88
C ALA A 129 10.50 7.58 2.08
N GLU A 130 10.74 6.39 2.62
CA GLU A 130 10.49 5.16 1.86
C GLU A 130 9.00 4.88 1.67
N VAL A 131 8.20 5.28 2.67
CA VAL A 131 6.79 5.02 2.77
C VAL A 131 6.14 6.25 3.40
N THR A 132 4.80 6.24 3.41
CA THR A 132 4.01 7.32 4.00
C THR A 132 3.52 6.84 5.37
N THR A 133 3.92 7.55 6.42
CA THR A 133 3.53 7.17 7.77
C THR A 133 2.83 8.34 8.45
N GLY A 134 2.39 8.12 9.70
CA GLY A 134 1.49 9.05 10.37
C GLY A 134 0.29 8.33 10.96
N PRO A 135 -0.37 7.50 10.17
CA PRO A 135 -1.37 6.56 10.72
C PRO A 135 -0.61 5.47 11.46
N LEU A 136 -0.83 5.41 12.77
CA LEU A 136 0.01 4.60 13.63
C LEU A 136 -0.10 3.12 13.27
N GLY A 137 1.01 2.42 13.47
CA GLY A 137 1.11 1.00 13.21
C GLY A 137 1.55 0.64 11.80
N GLN A 138 1.38 1.54 10.84
CA GLN A 138 1.61 1.19 9.43
C GLN A 138 3.09 0.97 9.15
N GLY A 139 3.95 1.88 9.63
CA GLY A 139 5.33 1.84 9.22
C GLY A 139 6.06 0.56 9.60
N ILE A 140 5.82 0.05 10.81
CA ILE A 140 6.47 -1.20 11.18
C ILE A 140 6.05 -2.33 10.24
N CYS A 141 4.76 -2.35 9.87
CA CYS A 141 4.30 -3.36 8.91
C CYS A 141 4.93 -3.15 7.53
N ASN A 142 5.06 -1.89 7.12
CA ASN A 142 5.76 -1.62 5.88
C ASN A 142 7.20 -2.15 5.95
N GLY A 143 7.85 -1.98 7.09
CA GLY A 143 9.19 -2.49 7.29
C GLY A 143 9.24 -4.02 7.17
N VAL A 144 8.22 -4.71 7.72
CA VAL A 144 8.13 -6.15 7.50
C VAL A 144 8.09 -6.46 6.01
N GLY A 145 7.30 -5.70 5.25
CA GLY A 145 7.24 -5.94 3.82
C GLY A 145 8.54 -5.62 3.07
N ILE A 146 9.22 -4.53 3.44
CA ILE A 146 10.53 -4.25 2.83
C ILE A 146 11.47 -5.42 3.10
N ALA A 147 11.47 -5.92 4.34
CA ALA A 147 12.36 -7.01 4.71
C ALA A 147 11.96 -8.31 4.02
N LEU A 148 10.67 -8.57 3.88
CA LEU A 148 10.19 -9.76 3.15
C LEU A 148 10.69 -9.70 1.71
N ALA A 149 10.47 -8.56 1.06
CA ALA A 149 10.95 -8.37 -0.29
C ALA A 149 12.46 -8.55 -0.39
N GLN A 150 13.22 -7.97 0.54
CA GLN A 150 14.67 -8.11 0.46
C GLN A 150 15.07 -9.57 0.52
N ALA A 151 14.43 -10.34 1.41
CA ALA A 151 14.77 -11.76 1.53
C ALA A 151 14.44 -12.51 0.25
N GLN A 152 13.28 -12.22 -0.34
CA GLN A 152 12.87 -12.88 -1.57
C GLN A 152 13.80 -12.52 -2.73
N PHE A 153 14.14 -11.24 -2.79
CA PHE A 153 15.03 -10.70 -3.84
C PHE A 153 16.42 -11.32 -3.73
N ALA A 154 16.98 -11.33 -2.52
CA ALA A 154 18.29 -11.95 -2.31
C ALA A 154 18.28 -13.43 -2.67
N ALA A 155 17.21 -14.14 -2.29
CA ALA A 155 17.15 -15.55 -2.61
C ALA A 155 17.07 -15.77 -4.11
N THR A 156 16.44 -14.86 -4.83
CA THR A 156 16.27 -14.97 -6.27
C THR A 156 17.57 -14.68 -7.02
N TYR A 157 18.35 -13.67 -6.57
CA TYR A 157 19.49 -13.19 -7.35
C TYR A 157 20.85 -13.50 -6.77
N ASN A 158 21.03 -13.60 -5.46
CA ASN A 158 22.40 -13.74 -4.96
C ASN A 158 23.01 -15.06 -5.41
N LYS A 159 24.32 -15.04 -5.62
CA LYS A 159 25.09 -16.20 -6.03
C LYS A 159 26.39 -16.20 -5.25
N PRO A 160 27.15 -17.31 -5.27
CA PRO A 160 28.45 -17.30 -4.59
C PRO A 160 29.33 -16.16 -5.11
N ASP A 161 29.92 -15.40 -4.18
CA ASP A 161 30.74 -14.23 -4.51
C ASP A 161 29.94 -13.07 -5.07
N PHE A 162 28.60 -13.15 -5.07
CA PHE A 162 27.74 -12.10 -5.62
C PHE A 162 26.61 -11.78 -4.63
N PRO A 163 26.92 -11.07 -3.55
CA PRO A 163 25.88 -10.60 -2.61
C PRO A 163 25.19 -9.36 -3.19
N ILE A 164 24.36 -9.60 -4.21
CA ILE A 164 23.65 -8.52 -4.87
C ILE A 164 22.76 -7.78 -3.88
N SER A 165 22.11 -8.54 -2.98
CA SER A 165 21.23 -7.93 -1.98
C SER A 165 21.58 -8.47 -0.60
N ASP A 166 21.93 -7.56 0.30
CA ASP A 166 22.29 -7.95 1.66
C ASP A 166 21.94 -6.86 2.66
N SER A 167 20.96 -6.05 2.33
CA SER A 167 20.61 -4.87 3.10
C SER A 167 19.65 -5.17 4.25
N TYR A 168 19.62 -4.22 5.18
CA TYR A 168 18.81 -4.28 6.39
C TYR A 168 17.65 -3.31 6.30
N THR A 169 16.68 -3.54 7.18
CA THR A 169 15.50 -2.69 7.31
C THR A 169 15.42 -2.25 8.77
N TYR A 170 15.57 -0.94 8.99
CA TYR A 170 15.57 -0.34 10.32
C TYR A 170 14.27 0.43 10.50
N VAL A 171 13.57 0.18 11.61
CA VAL A 171 12.28 0.81 11.85
C VAL A 171 12.26 1.44 13.23
N PHE A 172 11.83 2.70 13.34
CA PHE A 172 11.51 3.29 14.63
C PHE A 172 10.00 3.23 14.84
N LEU A 173 9.58 2.88 16.05
CA LEU A 173 8.16 2.85 16.37
C LEU A 173 7.98 3.23 17.84
N GLY A 174 6.78 3.68 18.17
CA GLY A 174 6.44 4.06 19.52
C GLY A 174 5.32 3.23 20.13
N ASP A 175 4.91 3.68 21.31
CA ASP A 175 3.85 2.99 22.04
C ASP A 175 2.56 2.91 21.22
N GLY A 176 2.24 3.97 20.48
CA GLY A 176 1.03 3.96 19.69
C GLY A 176 1.02 2.89 18.62
N CYS A 177 2.17 2.73 17.93
CA CYS A 177 2.27 1.67 16.94
C CYS A 177 2.11 0.30 17.58
N LEU A 178 2.66 0.11 18.79
CA LEU A 178 2.56 -1.15 19.52
C LEU A 178 1.16 -1.45 20.03
N MET A 179 0.33 -0.42 20.20
CA MET A 179 -1.06 -0.64 20.60
C MET A 179 -1.97 -1.00 19.42
N GLU A 180 -1.62 -0.55 18.22
CA GLU A 180 -2.45 -0.80 17.04
C GLU A 180 -2.35 -2.26 16.65
N GLY A 181 -3.50 -2.92 16.46
CA GLY A 181 -3.50 -4.35 16.16
C GLY A 181 -2.73 -4.72 14.91
N VAL A 182 -2.68 -3.84 13.92
CA VAL A 182 -1.99 -4.16 12.68
C VAL A 182 -0.54 -4.53 12.96
N SER A 183 0.11 -3.86 13.92
CA SER A 183 1.51 -4.18 14.20
C SER A 183 1.66 -5.55 14.85
N SER A 184 0.69 -5.98 15.64
CA SER A 184 0.72 -7.32 16.20
C SER A 184 0.64 -8.38 15.10
N GLU A 185 -0.27 -8.17 14.16
CA GLU A 185 -0.39 -9.08 13.02
C GLU A 185 0.96 -9.20 12.31
N ALA A 186 1.55 -8.06 11.95
CA ALA A 186 2.78 -8.10 11.15
C ALA A 186 3.95 -8.65 11.95
N SER A 187 3.95 -8.40 13.27
CA SER A 187 5.05 -8.86 14.09
C SER A 187 4.98 -10.37 14.31
N SER A 188 3.76 -10.91 14.50
CA SER A 188 3.59 -12.35 14.54
C SER A 188 4.11 -12.99 13.25
N LEU A 189 3.69 -12.44 12.11
CA LEU A 189 4.09 -13.00 10.82
C LEU A 189 5.60 -12.86 10.60
N ALA A 190 6.19 -11.69 10.94
CA ALA A 190 7.61 -11.51 10.73
C ALA A 190 8.45 -12.47 11.56
N GLY A 191 7.99 -12.74 12.78
CA GLY A 191 8.66 -13.73 13.61
C GLY A 191 8.56 -15.12 12.99
N HIS A 192 7.36 -15.50 12.54
CA HIS A 192 7.20 -16.76 11.84
C HIS A 192 8.14 -16.88 10.64
N LEU A 193 8.29 -15.79 9.89
CA LEU A 193 9.10 -15.76 8.69
C LEU A 193 10.59 -15.60 8.95
N GLN A 194 11.00 -15.48 10.21
CA GLN A 194 12.41 -15.51 10.59
C GLN A 194 13.20 -14.41 9.88
N LEU A 195 12.61 -13.19 9.83
CA LEU A 195 13.17 -12.10 9.03
C LEU A 195 14.30 -11.40 9.79
N GLY A 196 15.48 -12.00 9.70
CA GLY A 196 16.65 -11.57 10.45
C GLY A 196 17.27 -10.26 10.01
N ASN A 197 16.88 -9.71 8.85
CA ASN A 197 17.41 -8.42 8.45
C ASN A 197 16.51 -7.25 8.84
N LEU A 198 15.45 -7.54 9.61
CA LEU A 198 14.59 -6.52 10.19
C LEU A 198 15.07 -6.21 11.61
N ILE A 199 15.31 -4.92 11.87
CA ILE A 199 15.75 -4.43 13.17
C ILE A 199 14.87 -3.24 13.52
N ALA A 200 13.99 -3.43 14.50
CA ALA A 200 13.05 -2.40 14.93
C ALA A 200 13.50 -1.85 16.28
N PHE A 201 13.14 -0.60 16.55
CA PHE A 201 13.53 0.10 17.75
C PHE A 201 12.26 0.71 18.34
N TRP A 202 11.93 0.26 19.56
CA TRP A 202 10.80 0.79 20.31
C TRP A 202 11.25 1.97 21.14
N ASP A 203 10.61 3.12 20.93
CA ASP A 203 10.79 4.31 21.75
C ASP A 203 10.00 4.12 23.05
N ASP A 204 10.67 3.55 24.05
CA ASP A 204 10.05 3.21 25.32
C ASP A 204 10.15 4.41 26.24
N ASN A 205 9.20 5.35 26.05
CA ASN A 205 9.18 6.60 26.80
C ASN A 205 7.98 6.72 27.74
N LYS A 206 7.08 5.73 27.74
CA LYS A 206 6.00 5.60 28.70
C LYS A 206 5.01 6.77 28.66
N ILE A 207 4.92 7.48 27.54
CA ILE A 207 4.03 8.64 27.40
C ILE A 207 3.33 8.57 26.06
N SER A 208 2.01 8.74 26.06
CA SER A 208 1.23 8.93 24.85
C SER A 208 0.32 10.15 25.06
N ILE A 209 -0.64 10.38 24.16
CA ILE A 209 -1.42 11.61 24.26
C ILE A 209 -2.21 11.68 25.57
N ASP A 210 -2.78 10.54 25.99
CA ASP A 210 -3.60 10.53 27.20
C ASP A 210 -2.77 10.44 28.48
N GLY A 211 -1.46 10.57 28.38
CA GLY A 211 -0.59 10.62 29.55
C GLY A 211 0.27 9.39 29.67
N SER A 212 0.49 8.97 30.91
CA SER A 212 1.30 7.80 31.14
C SER A 212 0.71 6.57 30.46
N THR A 213 1.59 5.71 29.94
CA THR A 213 1.11 4.43 29.45
C THR A 213 0.51 3.57 30.56
N GLU A 214 0.74 3.90 31.82
CA GLU A 214 0.07 3.17 32.90
C GLU A 214 -1.45 3.23 32.79
N VAL A 215 -2.01 4.21 32.10
CA VAL A 215 -3.46 4.33 32.05
C VAL A 215 -4.11 3.35 31.08
N ALA A 216 -3.34 2.77 30.13
CA ALA A 216 -3.96 1.98 29.06
C ALA A 216 -3.06 0.90 28.46
N PHE A 217 -1.78 0.86 28.81
CA PHE A 217 -0.81 0.05 28.04
C PHE A 217 0.25 -0.47 29.01
N THR A 218 -0.15 -1.48 29.79
CA THR A 218 0.63 -2.04 30.85
C THR A 218 1.12 -3.46 30.56
N GLU A 219 0.88 -3.95 29.34
CA GLU A 219 1.38 -5.24 28.92
C GLU A 219 2.90 -5.29 28.95
N ASP A 220 3.43 -6.51 29.02
CA ASP A 220 4.87 -6.74 28.93
C ASP A 220 5.21 -6.90 27.45
N VAL A 221 5.56 -5.79 26.82
CA VAL A 221 5.85 -5.74 25.39
C VAL A 221 6.96 -6.71 25.03
N ILE A 222 8.04 -6.72 25.82
CA ILE A 222 9.18 -7.58 25.54
C ILE A 222 8.77 -9.04 25.56
N ALA A 223 8.00 -9.45 26.57
CA ALA A 223 7.54 -10.83 26.63
C ALA A 223 6.67 -11.16 25.42
N ARG A 224 5.84 -10.21 24.98
CA ARG A 224 5.03 -10.46 23.78
C ARG A 224 5.91 -10.65 22.55
N TYR A 225 6.92 -9.80 22.38
CA TYR A 225 7.77 -9.96 21.20
C TYR A 225 8.56 -11.26 21.26
N LYS A 226 9.00 -11.69 22.44
CA LYS A 226 9.61 -13.02 22.54
C LYS A 226 8.64 -14.11 22.08
N SER A 227 7.35 -13.97 22.43
CA SER A 227 6.37 -14.98 22.06
C SER A 227 6.18 -15.08 20.55
N TYR A 228 6.47 -14.01 19.81
CA TYR A 228 6.42 -14.03 18.36
C TYR A 228 7.68 -14.63 17.72
N GLY A 229 8.72 -14.90 18.52
CA GLY A 229 9.99 -15.36 17.96
C GLY A 229 10.95 -14.27 17.58
N TRP A 230 10.81 -13.07 18.15
CA TRP A 230 11.78 -12.01 17.94
C TRP A 230 12.92 -12.12 18.95
N HIS A 231 14.09 -11.64 18.52
CA HIS A 231 15.21 -11.39 19.42
C HIS A 231 15.04 -10.02 20.06
N ILE A 232 15.51 -9.86 21.30
CA ILE A 232 15.39 -8.62 22.03
C ILE A 232 16.77 -8.11 22.44
N VAL A 233 16.98 -6.79 22.29
CA VAL A 233 18.10 -6.11 22.95
C VAL A 233 17.51 -4.94 23.72
N GLU A 234 17.91 -4.75 24.97
CA GLU A 234 17.41 -3.63 25.76
C GLU A 234 18.54 -2.62 26.00
N VAL A 235 18.24 -1.36 25.71
CA VAL A 235 19.17 -0.25 25.95
C VAL A 235 18.54 0.64 27.04
N SER A 236 19.05 0.54 28.26
CA SER A 236 18.36 1.19 29.38
C SER A 236 18.57 2.68 29.43
N ASP A 237 19.65 3.19 28.83
CA ASP A 237 19.88 4.64 28.81
C ASP A 237 20.03 5.13 27.39
N ALA A 238 18.94 5.09 26.65
CA ALA A 238 18.98 5.51 25.25
C ALA A 238 18.94 7.02 25.08
N ASP A 239 18.85 7.79 26.18
CA ASP A 239 19.02 9.23 26.07
C ASP A 239 20.45 9.64 25.79
N THR A 240 21.43 8.78 26.13
CA THR A 240 22.85 9.10 25.97
C THR A 240 23.68 7.99 25.37
N ASP A 241 23.29 6.72 25.51
CA ASP A 241 24.24 5.62 25.30
C ASP A 241 24.25 5.13 23.85
N ILE A 242 24.84 5.96 22.98
CA ILE A 242 24.95 5.58 21.58
C ILE A 242 25.88 4.39 21.38
N THR A 243 26.83 4.19 22.27
CA THR A 243 27.67 2.99 22.17
C THR A 243 26.80 1.74 22.28
N ALA A 244 25.87 1.74 23.24
CA ALA A 244 24.99 0.59 23.41
C ALA A 244 24.00 0.45 22.26
N ILE A 245 23.55 1.55 21.68
CA ILE A 245 22.65 1.45 20.53
C ILE A 245 23.37 0.83 19.35
N ALA A 246 24.60 1.30 19.09
CA ALA A 246 25.41 0.71 18.01
C ALA A 246 25.67 -0.77 18.29
N ALA A 247 25.98 -1.13 19.55
CA ALA A 247 26.23 -2.53 19.86
C ALA A 247 24.98 -3.37 19.69
N ALA A 248 23.81 -2.79 19.96
CA ALA A 248 22.55 -3.51 19.76
C ALA A 248 22.33 -3.85 18.30
N ILE A 249 22.70 -2.92 17.41
CA ILE A 249 22.63 -3.20 15.98
C ILE A 249 23.58 -4.33 15.60
N ASP A 250 24.82 -4.27 16.10
CA ASP A 250 25.77 -5.35 15.80
C ASP A 250 25.22 -6.70 16.28
N GLU A 251 24.64 -6.72 17.48
CA GLU A 251 24.07 -7.94 18.05
C GLU A 251 22.93 -8.45 17.16
N ALA A 252 22.03 -7.55 16.78
CA ALA A 252 20.91 -7.93 15.93
C ALA A 252 21.40 -8.53 14.62
N LYS A 253 22.48 -7.98 14.05
CA LYS A 253 22.99 -8.53 12.78
C LYS A 253 23.53 -9.96 12.92
N LYS A 254 23.94 -10.35 14.11
CA LYS A 254 24.41 -11.72 14.31
C LYS A 254 23.27 -12.72 14.41
N VAL A 255 22.05 -12.27 14.70
CA VAL A 255 20.90 -13.17 14.85
C VAL A 255 20.18 -13.19 13.50
N THR A 256 20.55 -14.15 12.64
CA THR A 256 20.13 -14.10 11.25
C THR A 256 18.76 -14.71 11.01
N ASN A 257 18.19 -15.39 12.02
CA ASN A 257 16.92 -16.09 11.86
C ASN A 257 15.82 -15.53 12.73
N LYS A 258 15.98 -14.30 13.26
CA LYS A 258 14.90 -13.66 14.02
C LYS A 258 14.94 -12.18 13.73
N PRO A 259 13.80 -11.53 13.53
CA PRO A 259 13.76 -10.07 13.59
C PRO A 259 14.08 -9.64 15.02
N THR A 260 14.68 -8.45 15.17
CA THR A 260 15.08 -7.95 16.48
C THR A 260 14.29 -6.71 16.86
N LEU A 261 13.85 -6.66 18.12
CA LEU A 261 13.30 -5.45 18.72
C LEU A 261 14.33 -4.92 19.74
N VAL A 262 14.74 -3.68 19.53
CA VAL A 262 15.63 -2.98 20.42
C VAL A 262 14.77 -2.04 21.27
N ARG A 263 14.74 -2.28 22.58
CA ARG A 263 14.02 -1.42 23.52
C ARG A 263 14.89 -0.21 23.84
N LEU A 264 14.48 0.96 23.39
CA LEU A 264 15.20 2.21 23.67
C LEU A 264 14.48 2.92 24.81
N THR A 265 15.00 2.83 26.02
CA THR A 265 14.36 3.55 27.12
C THR A 265 14.81 4.99 27.07
N THR A 266 13.88 5.87 26.72
CA THR A 266 14.15 7.29 26.50
C THR A 266 13.24 8.14 27.37
N THR A 267 13.61 9.42 27.47
CA THR A 267 12.76 10.44 28.05
C THR A 267 12.14 11.23 26.91
N ILE A 268 10.80 11.21 26.81
CA ILE A 268 10.18 12.01 25.76
C ILE A 268 10.58 13.47 25.99
N GLY A 269 10.92 14.18 24.92
CA GLY A 269 11.29 15.58 25.10
C GLY A 269 12.60 15.80 25.84
N PHE A 270 13.49 14.80 25.85
CA PHE A 270 14.75 14.89 26.59
C PHE A 270 15.40 16.25 26.43
N GLY A 271 15.68 16.87 27.59
CA GLY A 271 16.33 18.15 27.64
C GLY A 271 15.38 19.31 27.90
N SER A 272 14.14 19.18 27.45
CA SER A 272 13.14 20.21 27.69
C SER A 272 12.84 20.34 29.17
N LEU A 273 12.43 21.54 29.56
CA LEU A 273 11.86 21.73 30.89
C LEU A 273 10.66 20.82 31.11
N ALA A 274 9.95 20.50 30.03
CA ALA A 274 8.75 19.67 30.02
C ALA A 274 9.03 18.23 29.63
N GLN A 275 10.29 17.80 29.69
CA GLN A 275 10.60 16.41 29.35
C GLN A 275 9.78 15.47 30.24
N GLY A 276 9.46 14.30 29.68
CA GLY A 276 8.78 13.29 30.47
C GLY A 276 7.32 13.60 30.74
N THR A 277 6.70 14.45 29.93
CA THR A 277 5.30 14.83 30.09
C THR A 277 4.57 14.69 28.77
N HIS A 278 3.23 14.51 28.84
CA HIS A 278 2.46 14.44 27.61
C HIS A 278 2.45 15.78 26.88
N GLY A 279 2.65 16.89 27.58
CA GLY A 279 2.63 18.18 26.93
C GLY A 279 3.71 18.37 25.90
N VAL A 280 4.84 17.64 26.03
CA VAL A 280 5.95 17.76 25.08
C VAL A 280 5.74 16.87 23.84
N HIS A 281 4.71 16.02 23.84
CA HIS A 281 4.49 15.12 22.70
C HIS A 281 4.17 15.89 21.43
N GLY A 282 3.27 16.88 21.50
CA GLY A 282 2.53 17.26 20.33
C GLY A 282 2.25 18.73 20.16
N ALA A 283 3.03 19.59 20.79
CA ALA A 283 2.89 21.03 20.61
C ALA A 283 4.26 21.66 20.68
N PRO A 284 4.43 22.84 20.10
CA PRO A 284 5.71 23.54 20.16
C PRO A 284 6.14 23.81 21.59
N LEU A 285 7.45 23.80 21.80
CA LEU A 285 8.03 24.17 23.09
C LEU A 285 7.88 25.68 23.32
N LYS A 286 7.93 26.08 24.57
CA LYS A 286 7.97 27.50 24.89
C LYS A 286 9.32 28.10 24.47
N ALA A 287 9.33 29.39 24.13
CA ALA A 287 10.57 30.02 23.66
C ALA A 287 11.68 29.95 24.69
N ASP A 288 11.35 30.15 25.98
CA ASP A 288 12.38 30.10 27.02
C ASP A 288 12.94 28.69 27.18
N ASP A 289 12.12 27.68 26.94
CA ASP A 289 12.59 26.31 26.98
C ASP A 289 13.62 26.08 25.88
N ILE A 290 13.32 26.56 24.67
CA ILE A 290 14.27 26.41 23.57
C ILE A 290 15.60 27.11 23.89
N LYS A 291 15.53 28.28 24.54
CA LYS A 291 16.78 28.98 24.89
C LYS A 291 17.64 28.13 25.83
N GLN A 292 17.02 27.56 26.88
CA GLN A 292 17.81 26.77 27.83
C GLN A 292 18.33 25.48 27.21
N LEU A 293 17.60 24.88 26.25
CA LEU A 293 18.12 23.74 25.50
C LEU A 293 19.40 24.12 24.80
N LYS A 294 19.37 25.25 24.10
CA LYS A 294 20.53 25.67 23.33
C LYS A 294 21.73 25.92 24.22
N THR A 295 21.54 26.66 25.31
CA THR A 295 22.71 26.91 26.13
C THR A 295 23.23 25.64 26.83
N LYS A 296 22.35 24.74 27.26
CA LYS A 296 22.82 23.49 27.92
C LYS A 296 23.71 22.70 26.99
N TRP A 297 23.46 22.81 25.69
CA TRP A 297 24.15 22.00 24.70
C TRP A 297 25.22 22.79 23.94
N GLY A 298 25.52 24.02 24.34
CA GLY A 298 26.61 24.76 23.73
C GLY A 298 26.26 25.49 22.47
N PHE A 299 24.98 25.67 22.18
CA PHE A 299 24.49 26.40 21.02
C PHE A 299 24.10 27.82 21.41
N ASN A 300 23.97 28.67 20.42
CA ASN A 300 23.62 30.06 20.64
C ASN A 300 22.10 30.19 20.77
N PRO A 301 21.58 30.61 21.94
CA PRO A 301 20.13 30.68 22.12
C PRO A 301 19.46 31.70 21.22
N GLU A 302 20.24 32.60 20.62
CA GLU A 302 19.72 33.57 19.68
C GLU A 302 19.62 33.03 18.27
N GLU A 303 20.14 31.84 18.00
CA GLU A 303 20.24 31.31 16.64
C GLU A 303 19.27 30.14 16.47
N SER A 304 18.67 30.06 15.29
CA SER A 304 17.85 28.91 14.92
CA SER A 304 17.83 28.93 14.90
C SER A 304 18.42 28.26 13.67
N PHE A 305 18.10 26.97 13.53
CA PHE A 305 18.53 26.16 12.39
C PHE A 305 20.04 26.11 12.22
N ALA A 306 20.77 26.06 13.34
CA ALA A 306 22.22 25.96 13.27
C ALA A 306 22.67 24.60 12.78
N VAL A 307 23.67 24.60 11.90
CA VAL A 307 24.28 23.36 11.43
C VAL A 307 25.80 23.52 11.56
N PRO A 308 26.40 23.07 12.66
CA PRO A 308 27.84 23.21 12.83
C PRO A 308 28.58 22.49 11.70
N ALA A 309 29.62 23.15 11.18
CA ALA A 309 30.35 22.57 10.06
C ALA A 309 31.04 21.27 10.44
N GLU A 310 31.41 21.08 11.70
CA GLU A 310 32.03 19.82 12.03
CA GLU A 310 31.99 19.80 12.16
C GLU A 310 31.04 18.66 11.93
N VAL A 311 29.74 18.91 12.20
CA VAL A 311 28.72 17.88 12.03
C VAL A 311 28.57 17.55 10.56
N THR A 312 28.46 18.57 9.71
CA THR A 312 28.42 18.31 8.27
C THR A 312 29.64 17.52 7.81
N ALA A 313 30.83 17.86 8.31
CA ALA A 313 32.02 17.13 7.90
C ALA A 313 31.94 15.66 8.28
N SER A 314 31.53 15.39 9.51
CA SER A 314 31.44 14.01 9.98
C SER A 314 30.42 13.22 9.16
N TYR A 315 29.26 13.82 8.91
CA TYR A 315 28.22 13.15 8.14
C TYR A 315 28.67 12.95 6.70
N ASN A 316 29.35 13.96 6.14
CA ASN A 316 29.86 13.84 4.76
C ASN A 316 30.85 12.69 4.65
N GLU A 317 31.68 12.45 5.67
CA GLU A 317 32.61 11.32 5.60
C GLU A 317 31.85 10.01 5.44
N HIS A 318 30.76 9.85 6.20
CA HIS A 318 29.96 8.64 6.10
C HIS A 318 29.31 8.51 4.73
N VAL A 319 28.79 9.63 4.20
CA VAL A 319 28.23 9.61 2.84
C VAL A 319 29.28 9.19 1.82
N ALA A 320 30.48 9.76 1.91
CA ALA A 320 31.52 9.44 0.94
C ALA A 320 31.86 7.95 1.00
N GLU A 321 31.95 7.39 2.21
CA GLU A 321 32.20 5.97 2.37
C GLU A 321 31.07 5.15 1.76
N ASN A 322 29.83 5.54 2.03
CA ASN A 322 28.69 4.84 1.46
C ASN A 322 28.70 4.90 -0.07
N GLN A 323 29.08 6.04 -0.63
CA GLN A 323 29.13 6.17 -2.09
C GLN A 323 30.20 5.26 -2.68
N LYS A 324 31.33 5.09 -1.99
CA LYS A 324 32.31 4.12 -2.46
C LYS A 324 31.78 2.69 -2.36
N ILE A 325 30.97 2.39 -1.34
CA ILE A 325 30.32 1.09 -1.27
C ILE A 325 29.38 0.89 -2.45
N GLN A 326 28.57 1.90 -2.79
CA GLN A 326 27.69 1.75 -3.94
C GLN A 326 28.49 1.63 -5.23
N GLN A 327 29.59 2.38 -5.36
CA GLN A 327 30.44 2.27 -6.54
C GLN A 327 30.92 0.83 -6.72
N GLN A 328 31.37 0.21 -5.63
CA GLN A 328 31.80 -1.18 -5.70
C GLN A 328 30.64 -2.13 -6.01
N TRP A 329 29.45 -1.84 -5.47
CA TRP A 329 28.28 -2.64 -5.80
C TRP A 329 27.98 -2.55 -7.29
N ASN A 330 28.11 -1.38 -7.89
CA ASN A 330 27.87 -1.26 -9.32
C ASN A 330 28.85 -2.17 -10.10
N GLU A 331 30.12 -2.23 -9.66
CA GLU A 331 31.05 -3.13 -10.34
C GLU A 331 30.71 -4.59 -10.09
N LEU A 332 30.24 -4.92 -8.88
CA LEU A 332 29.77 -6.27 -8.60
C LEU A 332 28.64 -6.65 -9.54
N PHE A 333 27.70 -5.72 -9.72
CA PHE A 333 26.57 -5.96 -10.60
C PHE A 333 27.03 -6.16 -12.05
N ALA A 334 27.99 -5.36 -12.52
CA ALA A 334 28.53 -5.57 -13.86
C ALA A 334 29.14 -6.97 -13.98
N ALA A 335 29.91 -7.40 -12.97
CA ALA A 335 30.52 -8.71 -13.02
C ALA A 335 29.46 -9.81 -12.94
N TYR A 336 28.40 -9.58 -12.19
CA TYR A 336 27.28 -10.52 -12.11
C TYR A 336 26.66 -10.72 -13.48
N LYS A 337 26.47 -9.63 -14.23
CA LYS A 337 25.88 -9.76 -15.57
C LYS A 337 26.75 -10.57 -16.50
N GLN A 338 28.07 -10.55 -16.32
CA GLN A 338 28.92 -11.44 -17.11
C GLN A 338 28.85 -12.88 -16.65
N LYS A 339 28.85 -13.12 -15.34
CA LYS A 339 28.88 -14.49 -14.81
C LYS A 339 27.52 -15.19 -14.95
N TYR A 340 26.43 -14.43 -14.85
CA TYR A 340 25.05 -14.94 -14.83
C TYR A 340 24.28 -14.13 -15.85
N PRO A 341 24.45 -14.42 -17.13
CA PRO A 341 23.91 -13.51 -18.14
C PRO A 341 22.39 -13.38 -18.09
N GLU A 342 21.66 -14.48 -17.91
CA GLU A 342 20.20 -14.38 -17.94
C GLU A 342 19.67 -13.69 -16.70
N LEU A 343 20.15 -14.10 -15.51
CA LEU A 343 19.71 -13.43 -14.28
C LEU A 343 20.10 -11.97 -14.31
N GLY A 344 21.28 -11.66 -14.83
CA GLY A 344 21.70 -10.28 -14.83
C GLY A 344 20.84 -9.42 -15.70
N ALA A 345 20.42 -9.94 -16.86
CA ALA A 345 19.55 -9.16 -17.73
C ALA A 345 18.17 -8.98 -17.08
N GLU A 346 17.68 -10.01 -16.40
CA GLU A 346 16.40 -9.92 -15.70
C GLU A 346 16.47 -8.87 -14.62
N LEU A 347 17.54 -8.89 -13.83
CA LEU A 347 17.72 -7.92 -12.78
C LEU A 347 17.80 -6.51 -13.35
N GLN A 348 18.59 -6.31 -14.41
CA GLN A 348 18.68 -5.00 -15.05
C GLN A 348 17.31 -4.50 -15.49
N ARG A 349 16.53 -5.36 -16.15
CA ARG A 349 15.21 -4.95 -16.62
C ARG A 349 14.34 -4.49 -15.45
N ARG A 350 14.37 -5.25 -14.35
CA ARG A 350 13.57 -4.88 -13.18
C ARG A 350 14.02 -3.56 -12.58
N LEU A 351 15.33 -3.33 -12.51
CA LEU A 351 15.82 -2.07 -11.95
C LEU A 351 15.53 -0.90 -12.87
N ASP A 352 15.30 -1.16 -14.15
CA ASP A 352 14.84 -0.16 -15.09
C ASP A 352 13.34 0.07 -15.04
N GLY A 353 12.61 -0.70 -14.23
CA GLY A 353 11.18 -0.52 -14.09
C GLY A 353 10.34 -1.06 -15.23
N LYS A 354 10.90 -1.99 -16.02
CA LYS A 354 10.25 -2.50 -17.22
C LYS A 354 9.80 -3.93 -17.01
N LEU A 355 8.56 -4.24 -17.40
CA LEU A 355 8.09 -5.61 -17.47
C LEU A 355 8.74 -6.34 -18.65
N PRO A 356 8.71 -7.67 -18.66
CA PRO A 356 9.23 -8.40 -19.82
C PRO A 356 8.51 -7.98 -21.09
N GLU A 357 9.28 -7.92 -22.17
CA GLU A 357 8.72 -7.57 -23.47
C GLU A 357 7.59 -8.54 -23.81
N ASN A 358 6.45 -7.99 -24.19
CA ASN A 358 5.31 -8.79 -24.65
C ASN A 358 4.81 -9.75 -23.59
N TRP A 359 5.00 -9.43 -22.29
CA TRP A 359 4.52 -10.32 -21.24
C TRP A 359 3.03 -10.55 -21.36
N ASP A 360 2.29 -9.56 -21.84
CA ASP A 360 0.84 -9.63 -21.86
C ASP A 360 0.31 -10.62 -22.89
N LYS A 361 1.17 -11.13 -23.78
CA LYS A 361 0.75 -12.21 -24.66
C LYS A 361 0.38 -13.48 -23.89
N ALA A 362 0.82 -13.60 -22.63
CA ALA A 362 0.44 -14.73 -21.79
C ALA A 362 -0.97 -14.60 -21.23
N LEU A 363 -1.59 -13.42 -21.30
CA LEU A 363 -2.92 -13.27 -20.73
C LEU A 363 -3.92 -14.13 -21.50
N PRO A 364 -4.76 -14.88 -20.82
CA PRO A 364 -5.77 -15.70 -21.51
C PRO A 364 -6.81 -14.85 -22.20
N VAL A 365 -7.26 -15.34 -23.35
CA VAL A 365 -8.31 -14.71 -24.15
C VAL A 365 -9.44 -15.73 -24.33
N TYR A 366 -10.67 -15.26 -24.34
CA TYR A 366 -11.86 -16.07 -24.38
C TYR A 366 -12.77 -15.61 -25.51
N THR A 367 -13.65 -16.52 -25.92
CA THR A 367 -14.68 -16.17 -26.88
C THR A 367 -16.03 -16.47 -26.27
N PRO A 368 -17.10 -16.01 -26.92
CA PRO A 368 -18.43 -16.29 -26.38
C PRO A 368 -18.82 -17.76 -26.45
N ALA A 369 -18.07 -18.59 -27.18
CA ALA A 369 -18.32 -20.02 -27.23
C ALA A 369 -17.72 -20.76 -26.03
N ASP A 370 -16.87 -20.11 -25.26
CA ASP A 370 -16.25 -20.77 -24.12
C ASP A 370 -17.24 -20.86 -22.94
N ALA A 371 -16.94 -21.79 -22.04
CA ALA A 371 -17.80 -22.07 -20.89
C ALA A 371 -17.83 -20.90 -19.90
N ALA A 372 -18.92 -20.86 -19.14
CA ALA A 372 -19.02 -19.93 -18.00
C ALA A 372 -17.98 -20.30 -16.95
N VAL A 373 -17.43 -19.27 -16.30
CA VAL A 373 -16.36 -19.40 -15.31
C VAL A 373 -16.56 -18.32 -14.27
N ALA A 374 -16.33 -18.61 -12.99
CA ALA A 374 -16.35 -17.57 -11.97
C ALA A 374 -15.13 -16.67 -12.17
N THR A 375 -15.26 -15.37 -11.87
CA THR A 375 -14.08 -14.54 -12.08
C THR A 375 -12.96 -14.84 -11.06
N ARG A 376 -13.25 -15.47 -9.91
CA ARG A 376 -12.14 -15.92 -9.06
C ARG A 376 -11.32 -17.00 -9.77
N LYS A 377 -12.00 -17.88 -10.53
CA LYS A 377 -11.29 -18.95 -11.24
C LYS A 377 -10.56 -18.39 -12.46
N LEU A 378 -11.18 -17.43 -13.15
CA LEU A 378 -10.47 -16.75 -14.24
C LEU A 378 -9.20 -16.09 -13.71
N SER A 379 -9.27 -15.49 -12.51
CA SER A 379 -8.09 -14.91 -11.87
C SER A 379 -7.01 -15.97 -11.62
N GLU A 380 -7.39 -17.13 -11.05
CA GLU A 380 -6.44 -18.21 -10.88
C GLU A 380 -5.74 -18.54 -12.19
N ILE A 381 -6.51 -18.64 -13.28
CA ILE A 381 -5.95 -19.01 -14.57
C ILE A 381 -4.98 -17.93 -15.05
N VAL A 382 -5.36 -16.65 -14.93
CA VAL A 382 -4.42 -15.57 -15.27
C VAL A 382 -3.12 -15.73 -14.51
N LEU A 383 -3.22 -15.83 -13.17
CA LEU A 383 -2.02 -15.94 -12.35
C LEU A 383 -1.15 -17.11 -12.79
N SER A 384 -1.79 -18.24 -13.12
CA SER A 384 -1.06 -19.43 -13.55
C SER A 384 -0.27 -19.19 -14.82
N LYS A 385 -0.77 -18.33 -15.71
CA LYS A 385 -0.09 -18.02 -16.95
C LYS A 385 0.98 -16.95 -16.79
N ILE A 386 0.75 -15.95 -15.93
CA ILE A 386 1.66 -14.83 -15.89
C ILE A 386 2.76 -14.98 -14.85
N ILE A 387 2.52 -15.69 -13.75
CA ILE A 387 3.56 -15.89 -12.75
C ILE A 387 4.83 -16.51 -13.36
N PRO A 388 4.74 -17.54 -14.22
CA PRO A 388 5.98 -18.09 -14.81
C PRO A 388 6.69 -17.11 -15.74
N GLU A 389 5.98 -16.12 -16.27
CA GLU A 389 6.52 -15.19 -17.24
C GLU A 389 7.05 -13.91 -16.62
N VAL A 390 6.64 -13.59 -15.40
CA VAL A 390 6.93 -12.29 -14.81
C VAL A 390 7.47 -12.54 -13.40
N PRO A 391 8.78 -12.65 -13.22
CA PRO A 391 9.33 -13.10 -11.93
C PRO A 391 9.06 -12.13 -10.79
N GLU A 392 8.85 -10.86 -11.09
CA GLU A 392 8.59 -9.86 -10.07
C GLU A 392 7.17 -9.91 -9.51
N ILE A 393 6.32 -10.83 -9.98
CA ILE A 393 5.04 -11.07 -9.33
C ILE A 393 5.23 -12.02 -8.17
N ILE A 394 4.84 -11.58 -6.96
CA ILE A 394 4.71 -12.45 -5.80
C ILE A 394 3.39 -12.05 -5.13
N GLY A 395 2.84 -12.93 -4.30
CA GLY A 395 1.62 -12.54 -3.60
C GLY A 395 1.18 -13.64 -2.67
N GLY A 396 -0.01 -13.46 -2.07
CA GLY A 396 -0.48 -14.42 -1.11
C GLY A 396 -1.95 -14.23 -0.81
N SER A 397 -2.39 -14.86 0.28
CA SER A 397 -3.77 -14.75 0.75
C SER A 397 -3.78 -14.75 2.26
N ALA A 398 -4.81 -14.10 2.80
CA ALA A 398 -5.05 -14.05 4.24
C ALA A 398 -5.89 -15.26 4.66
N ASP A 399 -5.26 -16.44 4.63
CA ASP A 399 -5.91 -17.71 5.01
C ASP A 399 -7.11 -18.05 4.14
N LEU A 400 -7.08 -17.65 2.86
CA LEU A 400 -8.17 -17.95 1.96
C LEU A 400 -7.66 -18.51 0.64
N THR A 401 -6.51 -19.18 0.66
CA THR A 401 -5.91 -19.65 -0.60
C THR A 401 -6.85 -20.52 -1.44
N PRO A 402 -7.52 -21.54 -0.89
CA PRO A 402 -8.39 -22.37 -1.72
C PRO A 402 -9.72 -21.72 -2.06
N SER A 403 -10.03 -20.56 -1.50
CA SER A 403 -11.25 -19.83 -1.78
CA SER A 403 -11.25 -19.84 -1.79
C SER A 403 -11.01 -18.70 -2.76
N ASN A 404 -9.94 -17.93 -2.55
CA ASN A 404 -9.56 -16.86 -3.46
C ASN A 404 -8.91 -17.39 -4.75
N LEU A 405 -8.29 -18.57 -4.67
CA LEU A 405 -7.64 -19.23 -5.81
C LEU A 405 -6.41 -18.43 -6.28
N THR A 406 -5.59 -18.03 -5.30
CA THR A 406 -4.49 -17.11 -5.51
C THR A 406 -3.13 -17.75 -5.72
N LYS A 407 -3.01 -19.07 -5.55
CA LYS A 407 -1.72 -19.74 -5.71
C LYS A 407 -1.67 -20.49 -7.03
N ALA A 408 -0.63 -20.24 -7.81
CA ALA A 408 -0.39 -21.02 -9.03
C ALA A 408 0.15 -22.39 -8.67
N LYS A 409 -0.43 -23.43 -9.26
CA LYS A 409 0.06 -24.79 -9.04
C LYS A 409 1.54 -24.87 -9.39
N GLY A 410 2.31 -25.56 -8.57
CA GLY A 410 3.71 -25.78 -8.86
C GLY A 410 4.63 -24.72 -8.31
N THR A 411 4.09 -23.70 -7.65
CA THR A 411 4.96 -22.74 -7.00
C THR A 411 5.17 -23.13 -5.55
N VAL A 412 6.26 -22.60 -5.01
CA VAL A 412 6.66 -22.85 -3.64
C VAL A 412 6.32 -21.62 -2.79
N ASP A 413 6.00 -21.88 -1.54
CA ASP A 413 5.67 -20.80 -0.64
C ASP A 413 6.95 -20.09 -0.17
N PHE A 414 6.79 -18.79 0.08
CA PHE A 414 7.78 -17.98 0.76
C PHE A 414 7.77 -18.35 2.24
N GLN A 415 8.79 -19.09 2.67
CA GLN A 415 8.98 -19.49 4.06
C GLN A 415 10.47 -19.59 4.28
N PRO A 416 10.95 -19.45 5.50
CA PRO A 416 12.35 -19.80 5.76
C PRO A 416 12.55 -21.29 5.50
N ALA A 417 13.62 -21.64 4.78
CA ALA A 417 13.89 -23.06 4.50
C ALA A 417 14.00 -23.88 5.76
N ALA A 418 14.42 -23.29 6.89
CA ALA A 418 14.53 -24.04 8.13
C ALA A 418 13.21 -24.71 8.53
N THR A 419 12.07 -24.15 8.09
CA THR A 419 10.78 -24.73 8.43
C THR A 419 10.44 -25.98 7.60
N GLY A 420 11.09 -26.16 6.45
CA GLY A 420 10.71 -27.21 5.52
C GLY A 420 9.45 -26.92 4.71
N LEU A 421 8.83 -25.75 4.89
CA LEU A 421 7.52 -25.44 4.35
C LEU A 421 7.57 -24.59 3.10
N GLY A 422 8.78 -24.19 2.69
CA GLY A 422 8.96 -23.26 1.58
C GLY A 422 10.42 -22.83 1.57
N ASP A 423 10.68 -21.73 0.88
CA ASP A 423 12.03 -21.17 0.80
C ASP A 423 11.89 -19.67 0.59
N TYR A 424 12.93 -18.89 0.89
CA TYR A 424 12.82 -17.46 0.62
C TYR A 424 12.75 -17.15 -0.88
N SER A 425 13.15 -18.09 -1.76
CA SER A 425 12.96 -17.89 -3.19
C SER A 425 11.51 -18.10 -3.62
N GLY A 426 10.66 -18.57 -2.71
CA GLY A 426 9.28 -18.83 -3.03
C GLY A 426 8.51 -17.57 -3.39
N ARG A 427 7.32 -17.81 -3.96
CA ARG A 427 6.54 -16.75 -4.57
C ARG A 427 5.17 -16.55 -3.95
N TYR A 428 4.79 -17.41 -3.00
CA TYR A 428 3.43 -17.41 -2.46
C TYR A 428 3.50 -17.26 -0.95
N ILE A 429 2.79 -16.26 -0.42
CA ILE A 429 2.86 -15.89 0.99
C ILE A 429 1.59 -16.31 1.72
N ARG A 430 1.78 -17.06 2.81
CA ARG A 430 0.69 -17.45 3.70
C ARG A 430 0.56 -16.36 4.76
N TYR A 431 -0.32 -15.39 4.51
CA TYR A 431 -0.44 -14.25 5.43
C TYR A 431 -1.16 -14.61 6.72
N GLY A 432 -1.91 -15.73 6.76
CA GLY A 432 -2.77 -15.98 7.89
C GLY A 432 -3.93 -14.98 7.91
N VAL A 433 -4.71 -14.98 9.01
CA VAL A 433 -5.95 -14.20 9.05
C VAL A 433 -5.61 -12.76 9.52
N ARG A 434 -4.96 -12.03 8.60
CA ARG A 434 -4.24 -10.81 8.91
C ARG A 434 -4.40 -9.80 7.76
N GLU A 435 -5.64 -9.41 7.45
CA GLU A 435 -5.84 -8.59 6.25
C GLU A 435 -5.13 -7.25 6.35
N HIS A 436 -5.23 -6.60 7.51
CA HIS A 436 -4.67 -5.25 7.63
C HIS A 436 -3.15 -5.28 7.46
N ALA A 437 -2.48 -6.20 8.17
CA ALA A 437 -1.05 -6.31 7.98
C ALA A 437 -0.71 -6.74 6.56
N MET A 438 -1.50 -7.64 5.96
CA MET A 438 -1.23 -7.98 4.56
C MET A 438 -1.21 -6.73 3.71
N GLY A 439 -2.20 -5.85 3.90
CA GLY A 439 -2.23 -4.62 3.12
C GLY A 439 -1.00 -3.75 3.30
N ALA A 440 -0.55 -3.60 4.56
CA ALA A 440 0.61 -2.75 4.84
C ALA A 440 1.91 -3.44 4.42
N ILE A 441 1.99 -4.76 4.54
CA ILE A 441 3.14 -5.51 4.04
C ILE A 441 3.23 -5.39 2.53
N MET A 442 2.09 -5.46 1.83
CA MET A 442 2.11 -5.26 0.38
CA MET A 442 2.10 -5.25 0.38
C MET A 442 2.69 -3.89 0.04
N ASN A 443 2.33 -2.86 0.80
CA ASN A 443 2.91 -1.53 0.56
C ASN A 443 4.43 -1.56 0.73
N GLY A 444 4.92 -2.27 1.75
CA GLY A 444 6.36 -2.39 1.93
C GLY A 444 7.06 -3.15 0.81
N ILE A 445 6.44 -4.22 0.32
CA ILE A 445 7.02 -4.96 -0.81
C ILE A 445 7.13 -4.04 -2.03
N ALA A 446 6.05 -3.27 -2.30
CA ALA A 446 6.11 -2.30 -3.39
C ALA A 446 7.21 -1.28 -3.17
N ALA A 447 7.32 -0.79 -1.92
CA ALA A 447 8.30 0.23 -1.57
C ALA A 447 9.73 -0.28 -1.77
N PHE A 448 9.97 -1.57 -1.58
CA PHE A 448 11.31 -2.11 -1.81
C PHE A 448 11.80 -1.73 -3.21
N GLY A 449 10.92 -1.84 -4.20
CA GLY A 449 11.24 -1.51 -5.58
C GLY A 449 11.50 -2.74 -6.41
N ALA A 450 12.47 -2.64 -7.31
CA ALA A 450 12.81 -3.76 -8.18
C ALA A 450 11.61 -4.26 -8.97
N ASN A 451 10.69 -3.37 -9.28
CA ASN A 451 9.53 -3.69 -10.10
C ASN A 451 8.58 -4.70 -9.47
N TYR A 452 8.66 -4.95 -8.14
CA TYR A 452 7.74 -5.91 -7.55
C TYR A 452 6.29 -5.52 -7.83
N LYS A 453 5.52 -6.50 -8.29
CA LYS A 453 4.09 -6.38 -8.58
C LYS A 453 3.41 -7.42 -7.69
N ASN A 454 2.95 -6.98 -6.51
CA ASN A 454 2.54 -7.94 -5.50
C ASN A 454 1.07 -7.83 -5.17
N TYR A 455 0.51 -8.96 -4.73
CA TYR A 455 -0.93 -9.07 -4.55
C TYR A 455 -1.29 -9.80 -3.26
N GLY A 456 -2.54 -9.61 -2.85
CA GLY A 456 -3.03 -10.19 -1.62
C GLY A 456 -4.50 -10.52 -1.74
N GLY A 457 -4.86 -11.76 -1.41
CA GLY A 457 -6.23 -12.22 -1.50
C GLY A 457 -6.98 -12.22 -0.18
N THR A 458 -8.23 -11.81 -0.26
CA THR A 458 -9.21 -12.04 0.81
C THR A 458 -10.60 -11.92 0.18
N PHE A 459 -11.64 -12.14 0.99
CA PHE A 459 -12.98 -11.81 0.53
C PHE A 459 -13.12 -10.29 0.46
N LEU A 460 -13.82 -9.80 -0.55
CA LEU A 460 -14.00 -8.36 -0.70
C LEU A 460 -14.48 -7.70 0.59
N ASN A 461 -15.43 -8.32 1.30
CA ASN A 461 -15.96 -7.65 2.48
C ASN A 461 -14.91 -7.43 3.56
N PHE A 462 -13.85 -8.26 3.56
CA PHE A 462 -12.81 -8.12 4.57
C PHE A 462 -11.61 -7.33 4.11
N VAL A 463 -11.60 -6.85 2.86
CA VAL A 463 -10.65 -5.79 2.51
C VAL A 463 -10.86 -4.61 3.46
N SER A 464 -12.12 -4.43 3.90
CA SER A 464 -12.45 -3.33 4.80
C SER A 464 -11.66 -3.38 6.11
N TYR A 465 -11.27 -4.58 6.58
CA TYR A 465 -10.43 -4.70 7.78
C TYR A 465 -9.09 -3.97 7.60
N ALA A 466 -8.67 -3.79 6.34
CA ALA A 466 -7.37 -3.26 5.97
C ALA A 466 -7.45 -1.83 5.45
N ALA A 467 -8.58 -1.15 5.64
CA ALA A 467 -8.75 0.18 5.08
C ALA A 467 -7.62 1.14 5.44
N GLY A 468 -7.07 1.06 6.66
CA GLY A 468 -5.98 1.97 7.01
C GLY A 468 -4.81 1.89 6.04
N ALA A 469 -4.44 0.67 5.67
CA ALA A 469 -3.35 0.43 4.72
C ALA A 469 -3.76 0.69 3.28
N VAL A 470 -4.98 0.31 2.90
CA VAL A 470 -5.44 0.50 1.52
C VAL A 470 -5.38 1.99 1.15
N ARG A 471 -5.86 2.84 2.06
CA ARG A 471 -5.86 4.25 1.78
C ARG A 471 -4.43 4.75 1.57
N LEU A 472 -3.50 4.22 2.35
CA LEU A 472 -2.09 4.57 2.18
C LEU A 472 -1.51 4.02 0.88
N SER A 473 -2.00 2.88 0.36
CA SER A 473 -1.55 2.48 -0.97
C SER A 473 -1.87 3.56 -2.00
N ALA A 474 -3.07 4.15 -1.88
CA ALA A 474 -3.52 5.17 -2.81
C ALA A 474 -2.70 6.46 -2.64
N LEU A 475 -2.52 6.91 -1.39
CA LEU A 475 -1.79 8.15 -1.13
C LEU A 475 -0.31 8.01 -1.49
N SER A 476 0.24 6.80 -1.30
CA SER A 476 1.65 6.53 -1.55
C SER A 476 1.93 6.18 -3.01
N GLU A 477 0.88 5.97 -3.78
CA GLU A 477 1.00 5.64 -5.21
C GLU A 477 1.72 4.33 -5.44
N PHE A 478 1.36 3.31 -4.67
CA PHE A 478 1.97 1.99 -4.83
C PHE A 478 1.09 1.05 -5.66
N PRO A 479 1.71 0.35 -6.62
CA PRO A 479 0.97 -0.58 -7.49
C PRO A 479 0.85 -1.96 -6.85
N ILE A 480 0.03 -2.01 -5.80
CA ILE A 480 -0.35 -3.23 -5.13
C ILE A 480 -1.71 -3.67 -5.65
N THR A 481 -2.04 -4.96 -5.46
CA THR A 481 -3.29 -5.50 -5.97
C THR A 481 -3.97 -6.38 -4.92
N TRP A 482 -5.23 -6.09 -4.67
CA TRP A 482 -6.10 -6.94 -3.86
C TRP A 482 -6.89 -7.86 -4.78
N VAL A 483 -6.81 -9.16 -4.49
CA VAL A 483 -7.57 -10.19 -5.20
C VAL A 483 -8.76 -10.48 -4.29
N ALA A 484 -9.87 -9.76 -4.54
CA ALA A 484 -10.95 -9.60 -3.56
C ALA A 484 -12.17 -10.38 -4.05
N THR A 485 -12.21 -11.66 -3.66
CA THR A 485 -13.20 -12.56 -4.20
C THR A 485 -14.50 -12.53 -3.37
N HIS A 486 -15.49 -13.28 -3.85
CA HIS A 486 -16.76 -13.40 -3.12
C HIS A 486 -17.38 -12.00 -2.95
N ASP A 487 -17.57 -11.35 -4.11
CA ASP A 487 -17.80 -9.92 -4.14
C ASP A 487 -19.17 -9.44 -3.72
N SER A 488 -20.18 -10.31 -3.59
CA SER A 488 -21.54 -9.81 -3.46
C SER A 488 -22.41 -10.87 -2.80
N ILE A 489 -23.72 -10.59 -2.75
CA ILE A 489 -24.72 -11.60 -2.41
C ILE A 489 -24.58 -12.88 -3.24
N GLY A 490 -23.90 -12.82 -4.40
CA GLY A 490 -23.60 -14.03 -5.15
C GLY A 490 -22.84 -15.10 -4.38
N LEU A 491 -22.20 -14.73 -3.25
CA LEU A 491 -21.55 -15.73 -2.44
C LEU A 491 -22.56 -16.62 -1.70
N GLY A 492 -23.80 -16.16 -1.50
CA GLY A 492 -24.82 -17.04 -0.94
C GLY A 492 -24.80 -17.20 0.58
N GLU A 493 -24.62 -18.45 1.01
CA GLU A 493 -25.05 -18.89 2.34
C GLU A 493 -24.31 -18.24 3.49
N ASP A 494 -23.06 -17.81 3.31
CA ASP A 494 -22.37 -17.18 4.44
C ASP A 494 -23.11 -15.94 4.94
N GLY A 495 -23.91 -15.26 4.09
CA GLY A 495 -24.85 -14.29 4.61
C GLY A 495 -24.31 -12.89 4.76
N PRO A 496 -25.10 -12.04 5.43
CA PRO A 496 -24.86 -10.60 5.36
C PRO A 496 -23.58 -10.13 6.03
N THR A 497 -23.04 -10.90 6.98
CA THR A 497 -21.76 -10.53 7.58
C THR A 497 -20.61 -10.65 6.59
N HIS A 498 -20.84 -11.33 5.47
CA HIS A 498 -19.81 -11.58 4.45
C HIS A 498 -20.07 -10.86 3.14
N GLN A 499 -21.27 -10.31 2.91
CA GLN A 499 -21.69 -9.81 1.61
C GLN A 499 -21.48 -8.31 1.52
N PRO A 500 -20.58 -7.85 0.65
CA PRO A 500 -20.34 -6.41 0.48
C PRO A 500 -21.59 -5.66 0.03
N ILE A 501 -21.72 -4.44 0.57
CA ILE A 501 -22.74 -3.47 0.15
C ILE A 501 -22.08 -2.12 -0.14
N GLU A 502 -21.35 -1.63 0.85
CA GLU A 502 -20.71 -0.32 0.85
C GLU A 502 -19.29 -0.34 0.28
N THR A 503 -18.72 -1.52 0.06
CA THR A 503 -17.26 -1.66 -0.04
C THR A 503 -16.70 -1.00 -1.30
N LEU A 504 -17.34 -1.25 -2.45
CA LEU A 504 -16.86 -0.61 -3.67
C LEU A 504 -17.04 0.90 -3.64
N ALA A 505 -18.13 1.39 -3.07
CA ALA A 505 -18.32 2.83 -2.96
C ALA A 505 -17.20 3.46 -2.13
N HIS A 506 -16.86 2.82 -1.01
CA HIS A 506 -15.79 3.31 -0.14
C HIS A 506 -14.49 3.47 -0.92
N PHE A 507 -14.07 2.42 -1.63
CA PHE A 507 -12.78 2.47 -2.30
C PHE A 507 -12.81 3.31 -3.59
N ARG A 508 -13.93 3.32 -4.31
CA ARG A 508 -14.06 4.19 -5.46
C ARG A 508 -14.05 5.67 -5.07
N ALA A 509 -14.55 5.98 -3.86
CA ALA A 509 -14.55 7.35 -3.34
C ALA A 509 -13.18 7.77 -2.85
N THR A 510 -12.25 6.84 -2.69
CA THR A 510 -10.90 7.16 -2.30
C THR A 510 -10.12 7.56 -3.54
N PRO A 511 -9.39 8.68 -3.52
CA PRO A 511 -8.61 9.04 -4.71
C PRO A 511 -7.62 7.91 -5.06
N ASN A 512 -7.39 7.73 -6.37
CA ASN A 512 -6.29 6.90 -6.85
C ASN A 512 -6.43 5.42 -6.46
N ILE A 513 -7.63 4.86 -6.55
CA ILE A 513 -7.81 3.41 -6.47
C ILE A 513 -8.58 2.92 -7.69
N SER A 514 -7.95 2.04 -8.46
CA SER A 514 -8.63 1.35 -9.56
CA SER A 514 -8.59 1.34 -9.56
C SER A 514 -9.38 0.16 -8.98
N VAL A 515 -10.69 0.15 -9.18
CA VAL A 515 -11.57 -0.86 -8.61
C VAL A 515 -12.20 -1.61 -9.78
N TRP A 516 -11.54 -2.72 -10.17
CA TRP A 516 -11.99 -3.51 -11.31
C TRP A 516 -13.00 -4.53 -10.85
N ARG A 517 -14.10 -4.64 -11.59
CA ARG A 517 -15.14 -5.64 -11.30
C ARG A 517 -15.44 -6.33 -12.61
N PRO A 518 -14.53 -7.21 -13.05
CA PRO A 518 -14.65 -7.76 -14.41
C PRO A 518 -15.84 -8.69 -14.54
N ALA A 519 -16.45 -8.68 -15.73
CA ALA A 519 -17.64 -9.49 -15.97
C ALA A 519 -17.34 -10.87 -16.49
N ASP A 520 -16.18 -11.09 -17.11
CA ASP A 520 -15.94 -12.35 -17.82
C ASP A 520 -14.44 -12.54 -18.02
N GLY A 521 -14.09 -13.54 -18.83
CA GLY A 521 -12.69 -13.88 -19.02
C GLY A 521 -11.87 -12.75 -19.63
N ASN A 522 -12.36 -12.14 -20.71
CA ASN A 522 -11.57 -11.08 -21.32
C ASN A 522 -11.43 -9.90 -20.39
N GLU A 523 -12.51 -9.54 -19.66
CA GLU A 523 -12.39 -8.41 -18.75
C GLU A 523 -11.43 -8.72 -17.59
N THR A 524 -11.37 -9.97 -17.14
CA THR A 524 -10.46 -10.31 -16.06
C THR A 524 -9.01 -10.18 -16.53
N SER A 525 -8.73 -10.57 -17.78
CA SER A 525 -7.40 -10.36 -18.31
C SER A 525 -7.06 -8.88 -18.42
N ALA A 526 -8.01 -8.05 -18.86
CA ALA A 526 -7.78 -6.60 -18.89
C ALA A 526 -7.49 -6.06 -17.49
N ALA A 527 -8.20 -6.55 -16.48
CA ALA A 527 -7.99 -6.05 -15.11
C ALA A 527 -6.58 -6.36 -14.65
N TYR A 528 -6.10 -7.59 -14.93
CA TYR A 528 -4.73 -7.94 -14.57
C TYR A 528 -3.71 -7.17 -15.39
N LYS A 529 -3.97 -6.93 -16.68
CA LYS A 529 -3.04 -6.12 -17.46
C LYS A 529 -2.85 -4.76 -16.79
N SER A 530 -3.95 -4.14 -16.36
CA SER A 530 -3.88 -2.86 -15.68
C SER A 530 -3.12 -2.98 -14.36
N ALA A 531 -3.46 -4.00 -13.57
CA ALA A 531 -2.88 -4.14 -12.23
C ALA A 531 -1.37 -4.35 -12.28
N ILE A 532 -0.90 -5.17 -13.23
CA ILE A 532 0.51 -5.49 -13.34
C ILE A 532 1.29 -4.37 -14.00
N GLU A 533 0.70 -3.68 -14.99
CA GLU A 533 1.37 -2.55 -15.62
C GLU A 533 1.42 -1.32 -14.72
N SER A 534 0.57 -1.25 -13.71
CA SER A 534 0.52 -0.09 -12.85
C SER A 534 1.88 0.21 -12.26
N THR A 535 2.18 1.50 -12.16
CA THR A 535 3.32 1.98 -11.42
C THR A 535 2.93 2.93 -10.30
N HIS A 536 1.73 3.52 -10.32
CA HIS A 536 1.37 4.54 -9.35
C HIS A 536 -0.03 4.38 -8.76
N THR A 537 -0.76 3.30 -9.10
CA THR A 537 -2.16 3.20 -8.71
C THR A 537 -2.48 1.82 -8.16
N PRO A 538 -2.89 1.72 -6.90
CA PRO A 538 -3.30 0.40 -6.39
C PRO A 538 -4.59 -0.05 -7.05
N HIS A 539 -4.72 -1.38 -7.12
CA HIS A 539 -5.86 -2.04 -7.73
C HIS A 539 -6.58 -2.93 -6.72
N ILE A 540 -7.90 -2.93 -6.81
CA ILE A 540 -8.74 -3.92 -6.13
C ILE A 540 -9.52 -4.63 -7.24
N LEU A 541 -9.40 -5.95 -7.30
CA LEU A 541 -10.10 -6.77 -8.28
C LEU A 541 -11.24 -7.47 -7.53
N ALA A 542 -12.47 -7.04 -7.80
CA ALA A 542 -13.68 -7.60 -7.18
C ALA A 542 -14.16 -8.76 -8.04
N LEU A 543 -14.08 -9.96 -7.48
CA LEU A 543 -14.22 -11.21 -8.23
C LEU A 543 -15.33 -12.06 -7.62
N THR A 544 -15.96 -12.89 -8.46
CA THR A 544 -17.13 -13.64 -8.04
C THR A 544 -16.79 -15.01 -7.49
N ARG A 545 -17.67 -15.46 -6.58
CA ARG A 545 -17.73 -16.86 -6.24
C ARG A 545 -18.31 -17.67 -7.39
N GLN A 546 -19.39 -17.16 -7.98
CA GLN A 546 -20.28 -17.86 -8.89
C GLN A 546 -19.89 -17.70 -10.37
N ASN A 547 -20.28 -18.67 -11.18
CA ASN A 547 -19.92 -18.67 -12.60
C ASN A 547 -20.67 -17.56 -13.35
N LEU A 548 -20.00 -16.99 -14.36
CA LEU A 548 -20.55 -15.99 -15.26
C LEU A 548 -20.25 -16.38 -16.71
N PRO A 549 -21.15 -16.06 -17.64
CA PRO A 549 -20.90 -16.42 -19.04
C PRO A 549 -19.86 -15.53 -19.70
N GLN A 550 -19.21 -16.06 -20.73
CA GLN A 550 -18.39 -15.23 -21.60
C GLN A 550 -19.28 -14.34 -22.45
N LEU A 551 -18.98 -13.05 -22.49
CA LEU A 551 -19.86 -12.09 -23.15
C LEU A 551 -19.57 -11.92 -24.63
N GLU A 552 -20.65 -11.85 -25.41
CA GLU A 552 -20.54 -11.37 -26.79
C GLU A 552 -20.17 -9.89 -26.77
N GLY A 553 -19.03 -9.54 -27.38
CA GLY A 553 -18.58 -8.17 -27.48
C GLY A 553 -17.46 -7.76 -26.55
N SER A 554 -17.05 -8.63 -25.62
CA SER A 554 -15.94 -8.27 -24.76
C SER A 554 -14.60 -8.59 -25.42
N SER A 555 -13.58 -7.85 -25.00
CA SER A 555 -12.20 -8.08 -25.44
C SER A 555 -11.29 -7.42 -24.41
N ILE A 556 -10.04 -7.86 -24.39
CA ILE A 556 -9.05 -7.14 -23.60
C ILE A 556 -8.94 -5.70 -24.07
N GLU A 557 -8.90 -5.49 -25.40
CA GLU A 557 -8.74 -4.15 -25.93
C GLU A 557 -9.81 -3.21 -25.42
N LYS A 558 -11.09 -3.61 -25.53
CA LYS A 558 -12.14 -2.68 -25.13
C LYS A 558 -12.18 -2.54 -23.61
N ALA A 559 -12.03 -3.65 -22.88
CA ALA A 559 -12.14 -3.57 -21.43
C ALA A 559 -10.99 -2.75 -20.83
N SER A 560 -9.85 -2.68 -21.53
CA SER A 560 -8.72 -1.87 -21.09
CA SER A 560 -8.74 -1.88 -21.03
C SER A 560 -9.05 -0.38 -21.01
N LYS A 561 -10.12 0.06 -21.66
CA LYS A 561 -10.58 1.44 -21.57
C LYS A 561 -11.37 1.72 -20.30
N GLY A 562 -11.60 0.71 -19.47
CA GLY A 562 -12.31 0.90 -18.20
C GLY A 562 -13.83 0.85 -18.32
N GLY A 563 -14.34 1.42 -19.40
CA GLY A 563 -15.75 1.37 -19.75
C GLY A 563 -15.87 1.31 -21.25
N TYR A 564 -16.83 0.53 -21.77
CA TYR A 564 -16.95 0.39 -23.20
C TYR A 564 -18.37 -0.03 -23.55
N THR A 565 -18.75 0.23 -24.79
CA THR A 565 -20.03 -0.18 -25.33
C THR A 565 -19.95 -1.66 -25.66
N LEU A 566 -20.67 -2.48 -24.89
CA LEU A 566 -20.74 -3.91 -25.12
C LEU A 566 -21.74 -4.23 -26.23
N VAL A 567 -22.95 -3.70 -26.12
CA VAL A 567 -24.00 -3.83 -27.11
C VAL A 567 -24.37 -2.43 -27.55
N GLN A 568 -24.09 -2.11 -28.82
CA GLN A 568 -24.44 -0.83 -29.41
C GLN A 568 -25.83 -0.93 -30.00
N GLN A 569 -26.66 0.07 -29.70
CA GLN A 569 -28.01 0.16 -30.25
C GLN A 569 -28.21 1.59 -30.74
N ASP A 570 -28.14 1.80 -32.05
CA ASP A 570 -28.30 3.14 -32.59
C ASP A 570 -29.65 3.79 -32.29
N LYS A 571 -30.70 3.02 -32.10
CA LYS A 571 -31.97 3.66 -31.79
C LYS A 571 -32.36 3.38 -30.34
N ALA A 572 -31.40 3.45 -29.44
CA ALA A 572 -31.68 3.03 -28.08
C ALA A 572 -32.72 3.93 -27.42
N ASP A 573 -33.66 3.27 -26.74
CA ASP A 573 -34.55 3.95 -25.80
C ASP A 573 -33.91 4.12 -24.43
N ILE A 574 -32.90 3.30 -24.13
CA ILE A 574 -32.22 3.32 -22.85
C ILE A 574 -30.88 2.63 -23.04
N ILE A 575 -29.89 3.03 -22.24
CA ILE A 575 -28.64 2.32 -22.11
C ILE A 575 -28.57 1.81 -20.68
N ILE A 576 -28.21 0.53 -20.53
CA ILE A 576 -27.98 -0.05 -19.22
C ILE A 576 -26.46 -0.16 -19.03
N VAL A 577 -25.95 0.47 -17.98
CA VAL A 577 -24.54 0.38 -17.61
C VAL A 577 -24.42 -0.52 -16.39
N ALA A 578 -23.49 -1.47 -16.44
CA ALA A 578 -23.36 -2.47 -15.40
C ALA A 578 -21.90 -2.87 -15.24
N THR A 579 -21.64 -3.62 -14.17
CA THR A 579 -20.34 -4.18 -13.90
C THR A 579 -20.48 -5.64 -13.53
N GLY A 580 -19.37 -6.36 -13.68
CA GLY A 580 -19.24 -7.67 -13.07
C GLY A 580 -20.38 -8.59 -13.44
N SER A 581 -20.90 -9.27 -12.40
CA SER A 581 -22.00 -10.21 -12.55
C SER A 581 -23.26 -9.58 -13.13
N GLU A 582 -23.43 -8.25 -13.04
CA GLU A 582 -24.63 -7.64 -13.52
C GLU A 582 -24.60 -7.29 -15.01
N VAL A 583 -23.45 -7.46 -15.70
CA VAL A 583 -23.43 -7.22 -17.14
C VAL A 583 -24.25 -8.28 -17.86
N SER A 584 -24.02 -9.56 -17.52
CA SER A 584 -24.82 -10.63 -18.11
C SER A 584 -26.30 -10.46 -17.80
N LEU A 585 -26.61 -9.98 -16.59
CA LEU A 585 -28.00 -9.69 -16.21
C LEU A 585 -28.58 -8.61 -17.14
N ALA A 586 -27.81 -7.56 -17.40
CA ALA A 586 -28.25 -6.50 -18.31
C ALA A 586 -28.50 -7.04 -19.71
N VAL A 587 -27.61 -7.90 -20.21
CA VAL A 587 -27.80 -8.48 -21.54
C VAL A 587 -29.09 -9.31 -21.58
N ASP A 588 -29.36 -10.08 -20.51
CA ASP A 588 -30.61 -10.85 -20.47
C ASP A 588 -31.81 -9.92 -20.37
N ALA A 589 -31.68 -8.81 -19.65
CA ALA A 589 -32.77 -7.84 -19.57
C ALA A 589 -33.06 -7.18 -20.92
N LEU A 590 -32.02 -6.96 -21.71
CA LEU A 590 -32.19 -6.39 -23.05
C LEU A 590 -33.15 -7.24 -23.86
N LYS A 591 -33.03 -8.56 -23.75
CA LYS A 591 -33.93 -9.45 -24.48
C LYS A 591 -35.37 -9.36 -23.96
N VAL A 592 -35.58 -9.29 -22.63
CA VAL A 592 -36.93 -9.08 -22.10
C VAL A 592 -37.50 -7.77 -22.62
N LEU A 593 -36.69 -6.72 -22.62
CA LEU A 593 -37.13 -5.41 -23.07
C LEU A 593 -37.53 -5.42 -24.54
N GLU A 594 -36.79 -6.16 -25.37
CA GLU A 594 -37.17 -6.26 -26.78
C GLU A 594 -38.60 -6.76 -26.92
N GLY A 595 -39.02 -7.71 -26.09
CA GLY A 595 -40.39 -8.21 -26.12
C GLY A 595 -41.43 -7.21 -25.66
N GLN A 596 -41.02 -6.19 -24.91
CA GLN A 596 -41.84 -5.06 -24.47
C GLN A 596 -41.77 -3.88 -25.45
N GLY A 597 -41.07 -4.04 -26.57
CA GLY A 597 -40.94 -2.94 -27.53
C GLY A 597 -39.94 -1.87 -27.16
N ILE A 598 -38.97 -2.18 -26.31
CA ILE A 598 -37.97 -1.22 -25.84
C ILE A 598 -36.61 -1.71 -26.31
N LYS A 599 -35.84 -0.83 -26.96
CA LYS A 599 -34.52 -1.14 -27.46
C LYS A 599 -33.47 -0.61 -26.49
N ALA A 600 -32.62 -1.49 -25.99
CA ALA A 600 -31.57 -1.08 -25.05
C ALA A 600 -30.19 -1.32 -25.63
N GLY A 601 -29.26 -0.47 -25.23
CA GLY A 601 -27.84 -0.76 -25.35
C GLY A 601 -27.29 -1.20 -23.99
N VAL A 602 -26.09 -1.78 -24.00
CA VAL A 602 -25.39 -2.18 -22.78
C VAL A 602 -23.98 -1.63 -22.79
N VAL A 603 -23.60 -1.01 -21.68
CA VAL A 603 -22.25 -0.59 -21.38
C VAL A 603 -21.71 -1.44 -20.24
N SER A 604 -20.49 -1.95 -20.40
CA SER A 604 -19.77 -2.57 -19.30
C SER A 604 -18.73 -1.59 -18.76
N LEU A 605 -18.68 -1.43 -17.43
CA LEU A 605 -17.83 -0.45 -16.79
C LEU A 605 -16.90 -1.15 -15.78
N PRO A 606 -15.98 -2.00 -16.27
CA PRO A 606 -15.17 -2.77 -15.33
C PRO A 606 -14.29 -1.95 -14.40
N ASP A 607 -13.83 -0.75 -14.78
CA ASP A 607 -13.12 0.11 -13.81
C ASP A 607 -13.49 1.56 -14.05
N GLN A 608 -14.17 2.15 -13.06
CA GLN A 608 -14.55 3.55 -13.14
C GLN A 608 -13.37 4.50 -13.22
N LEU A 609 -12.28 4.22 -12.49
CA LEU A 609 -11.14 5.14 -12.53
C LEU A 609 -10.51 5.15 -13.93
N THR A 610 -10.22 3.96 -14.47
CA THR A 610 -9.66 3.90 -15.83
C THR A 610 -10.58 4.60 -16.82
N PHE A 611 -11.89 4.36 -16.71
CA PHE A 611 -12.82 5.03 -17.61
C PHE A 611 -12.72 6.55 -17.50
N ASP A 612 -12.71 7.05 -16.26
CA ASP A 612 -12.66 8.49 -16.03
C ASP A 612 -11.45 9.12 -16.70
N LYS A 613 -10.34 8.38 -16.79
CA LYS A 613 -9.10 8.88 -17.36
C LYS A 613 -9.09 8.90 -18.89
N GLN A 614 -10.10 8.30 -19.55
CA GLN A 614 -10.16 8.36 -21.00
C GLN A 614 -10.55 9.76 -21.48
N SER A 615 -10.40 10.01 -22.77
CA SER A 615 -10.76 11.31 -23.31
C SER A 615 -12.25 11.57 -23.14
N GLU A 616 -12.58 12.86 -23.11
CA GLU A 616 -13.99 13.25 -23.00
C GLU A 616 -14.80 12.69 -24.16
N GLU A 617 -14.22 12.73 -25.37
CA GLU A 617 -14.94 12.25 -26.55
C GLU A 617 -15.16 10.73 -26.45
N TYR A 618 -14.15 9.97 -26.00
CA TYR A 618 -14.34 8.52 -25.84
C TYR A 618 -15.46 8.27 -24.83
N LYS A 619 -15.40 8.96 -23.69
CA LYS A 619 -16.40 8.72 -22.65
C LYS A 619 -17.81 9.02 -23.15
N LEU A 620 -17.98 10.12 -23.90
CA LEU A 620 -19.28 10.46 -24.46
C LEU A 620 -19.74 9.45 -25.51
N SER A 621 -18.79 8.78 -26.20
CA SER A 621 -19.20 7.73 -27.13
C SER A 621 -19.82 6.54 -26.41
N VAL A 622 -19.45 6.34 -25.15
CA VAL A 622 -19.99 5.27 -24.32
C VAL A 622 -21.28 5.69 -23.62
N LEU A 623 -21.31 6.92 -23.11
CA LEU A 623 -22.45 7.47 -22.37
C LEU A 623 -22.90 8.75 -23.08
N PRO A 624 -23.59 8.64 -24.20
CA PRO A 624 -23.92 9.82 -25.00
C PRO A 624 -25.06 10.62 -24.38
N ASP A 625 -25.22 11.85 -24.91
CA ASP A 625 -26.42 12.64 -24.67
C ASP A 625 -27.63 11.99 -25.33
N GLY A 626 -28.83 12.39 -24.88
CA GLY A 626 -30.05 12.10 -25.60
C GLY A 626 -30.68 10.76 -25.31
N VAL A 627 -30.23 10.06 -24.29
CA VAL A 627 -30.78 8.74 -23.98
C VAL A 627 -30.71 8.51 -22.47
N PRO A 628 -31.78 8.05 -21.84
CA PRO A 628 -31.69 7.70 -20.41
C PRO A 628 -30.72 6.55 -20.19
N ILE A 629 -30.03 6.62 -19.06
CA ILE A 629 -29.06 5.59 -18.68
C ILE A 629 -29.40 5.08 -17.29
N LEU A 630 -29.50 3.77 -17.16
CA LEU A 630 -29.78 3.07 -15.91
C LEU A 630 -28.56 2.25 -15.52
N SER A 631 -28.07 2.42 -14.28
CA SER A 631 -27.00 1.55 -13.78
C SER A 631 -27.58 0.34 -13.05
N VAL A 632 -26.85 -0.77 -13.11
CA VAL A 632 -27.21 -2.00 -12.41
C VAL A 632 -25.94 -2.58 -11.81
N GLU A 633 -25.92 -2.71 -10.48
CA GLU A 633 -24.80 -3.29 -9.74
C GLU A 633 -25.36 -3.66 -8.37
N VAL A 634 -25.14 -4.90 -7.91
CA VAL A 634 -25.84 -5.43 -6.74
CA VAL A 634 -25.81 -5.45 -6.72
C VAL A 634 -25.19 -5.00 -5.40
N MET A 635 -24.92 -3.71 -5.29
CA MET A 635 -24.31 -3.09 -4.12
CA MET A 635 -24.39 -3.12 -4.07
C MET A 635 -24.73 -1.63 -4.11
N SER A 636 -24.09 -0.82 -3.25
CA SER A 636 -24.53 0.55 -3.07
C SER A 636 -24.64 1.29 -4.39
N THR A 637 -25.63 2.18 -4.47
CA THR A 637 -25.76 3.07 -5.60
C THR A 637 -24.85 4.31 -5.53
N PHE A 638 -24.10 4.50 -4.44
CA PHE A 638 -23.23 5.67 -4.36
C PHE A 638 -22.21 5.67 -5.51
N GLY A 639 -21.98 6.86 -6.07
CA GLY A 639 -21.06 7.07 -7.18
C GLY A 639 -21.71 6.90 -8.54
N TRP A 640 -22.78 6.11 -8.63
CA TRP A 640 -23.29 5.69 -9.93
C TRP A 640 -23.92 6.81 -10.72
N SER A 641 -24.37 7.89 -10.06
CA SER A 641 -24.89 9.04 -10.77
C SER A 641 -23.84 9.73 -11.63
N LYS A 642 -22.56 9.43 -11.46
CA LYS A 642 -21.55 9.94 -12.40
C LYS A 642 -21.83 9.45 -13.81
N TYR A 643 -22.48 8.28 -13.93
CA TYR A 643 -22.56 7.52 -15.18
C TYR A 643 -23.98 7.22 -15.61
N SER A 644 -24.98 7.59 -14.81
CA SER A 644 -26.35 7.16 -15.03
C SER A 644 -27.31 8.21 -14.52
N HIS A 645 -28.54 8.16 -15.05
CA HIS A 645 -29.64 8.98 -14.58
C HIS A 645 -30.42 8.32 -13.45
N GLN A 646 -30.58 7.00 -13.52
CA GLN A 646 -31.29 6.22 -12.52
C GLN A 646 -30.38 5.06 -12.14
N GLN A 647 -30.50 4.58 -10.90
CA GLN A 647 -29.60 3.55 -10.38
C GLN A 647 -30.42 2.44 -9.73
N PHE A 648 -30.16 1.21 -10.16
CA PHE A 648 -30.71 0.01 -9.53
C PHE A 648 -29.54 -0.68 -8.79
N GLY A 649 -29.57 -0.57 -7.46
CA GLY A 649 -28.55 -1.17 -6.64
C GLY A 649 -29.17 -1.80 -5.40
N LEU A 650 -28.29 -2.19 -4.49
CA LEU A 650 -28.68 -2.82 -3.23
C LEU A 650 -28.10 -1.97 -2.11
N ASN A 651 -28.99 -1.31 -1.37
CA ASN A 651 -28.64 -0.35 -0.34
C ASN A 651 -29.07 -0.81 1.06
N ARG A 652 -29.27 -2.11 1.21
CA ARG A 652 -29.59 -2.78 2.47
C ARG A 652 -28.64 -3.97 2.58
N PHE A 653 -28.52 -4.52 3.79
CA PHE A 653 -27.71 -5.71 3.98
C PHE A 653 -28.34 -6.90 3.29
N GLY A 654 -27.50 -7.94 3.12
CA GLY A 654 -27.89 -9.13 2.39
C GLY A 654 -28.67 -10.14 3.21
N ALA A 655 -28.43 -11.43 2.93
CA ALA A 655 -29.24 -12.50 3.49
C ALA A 655 -28.46 -13.79 3.39
N SER A 656 -28.79 -14.74 4.25
CA SER A 656 -28.16 -16.06 4.21
C SER A 656 -29.07 -17.05 3.50
N GLY A 657 -28.67 -17.47 2.30
CA GLY A 657 -29.42 -18.44 1.53
C GLY A 657 -28.66 -18.74 0.25
N LYS A 658 -29.22 -19.64 -0.55
CA LYS A 658 -28.62 -19.94 -1.86
C LYS A 658 -28.64 -18.68 -2.72
N ALA A 659 -27.51 -18.38 -3.34
CA ALA A 659 -27.37 -17.10 -4.04
C ALA A 659 -28.48 -16.80 -5.04
N PRO A 660 -28.89 -17.74 -5.92
CA PRO A 660 -29.94 -17.37 -6.88
C PRO A 660 -31.21 -16.91 -6.20
N GLU A 661 -31.53 -17.47 -5.03
CA GLU A 661 -32.73 -17.06 -4.30
C GLU A 661 -32.59 -15.66 -3.75
N ILE A 662 -31.36 -15.26 -3.39
CA ILE A 662 -31.15 -13.89 -2.90
C ILE A 662 -31.32 -12.89 -4.05
N PHE A 663 -30.74 -13.21 -5.23
CA PHE A 663 -30.95 -12.34 -6.38
C PHE A 663 -32.42 -12.19 -6.69
N LYS A 664 -33.18 -13.29 -6.65
CA LYS A 664 -34.61 -13.21 -6.89
C LYS A 664 -35.32 -12.35 -5.85
N LEU A 665 -34.97 -12.53 -4.56
CA LEU A 665 -35.60 -11.76 -3.49
C LEU A 665 -35.49 -10.26 -3.75
N PHE A 666 -34.32 -9.83 -4.19
CA PHE A 666 -34.05 -8.41 -4.39
C PHE A 666 -34.36 -7.94 -5.82
N GLU A 667 -34.93 -8.81 -6.64
CA GLU A 667 -35.40 -8.50 -7.99
C GLU A 667 -34.26 -8.17 -8.95
N PHE A 668 -33.06 -8.69 -8.66
CA PHE A 668 -31.93 -8.63 -9.61
C PHE A 668 -32.06 -9.82 -10.55
N THR A 669 -33.06 -9.72 -11.42
CA THR A 669 -33.46 -10.72 -12.40
C THR A 669 -33.66 -10.00 -13.72
N PRO A 670 -33.69 -10.73 -14.84
CA PRO A 670 -33.92 -10.04 -16.12
C PRO A 670 -35.20 -9.24 -16.12
N GLU A 671 -36.26 -9.81 -15.53
CA GLU A 671 -37.55 -9.11 -15.47
C GLU A 671 -37.50 -7.91 -14.52
N GLY A 672 -36.80 -8.02 -13.39
CA GLY A 672 -36.71 -6.90 -12.48
C GLY A 672 -35.93 -5.74 -13.06
N VAL A 673 -34.84 -6.04 -13.76
CA VAL A 673 -34.10 -4.99 -14.44
C VAL A 673 -34.95 -4.38 -15.56
N ALA A 674 -35.62 -5.24 -16.35
CA ALA A 674 -36.45 -4.72 -17.44
C ALA A 674 -37.56 -3.82 -16.90
N GLU A 675 -38.17 -4.19 -15.77
CA GLU A 675 -39.24 -3.36 -15.21
C GLU A 675 -38.72 -1.95 -14.88
N ARG A 676 -37.54 -1.89 -14.26
CA ARG A 676 -36.95 -0.60 -13.88
C ARG A 676 -36.48 0.17 -15.10
N ALA A 677 -35.98 -0.53 -16.12
CA ALA A 677 -35.64 0.12 -17.38
C ALA A 677 -36.87 0.73 -18.04
N ALA A 678 -37.98 -0.02 -18.10
CA ALA A 678 -39.20 0.51 -18.68
C ALA A 678 -39.70 1.72 -17.90
N LYS A 679 -39.64 1.66 -16.57
CA LYS A 679 -40.03 2.81 -15.76
C LYS A 679 -39.12 4.01 -16.02
N THR A 680 -37.84 3.76 -16.25
CA THR A 680 -36.90 4.84 -16.57
C THR A 680 -37.25 5.49 -17.91
N VAL A 681 -37.51 4.68 -18.94
CA VAL A 681 -37.94 5.23 -20.22
C VAL A 681 -39.18 6.11 -20.03
N ALA A 682 -40.17 5.61 -19.27
CA ALA A 682 -41.41 6.38 -19.06
C ALA A 682 -41.14 7.68 -18.32
N PHE A 683 -40.26 7.65 -17.33
CA PHE A 683 -39.97 8.81 -16.50
C PHE A 683 -39.37 9.95 -17.31
N TYR A 684 -38.63 9.61 -18.38
CA TYR A 684 -38.00 10.63 -19.22
C TYR A 684 -38.79 10.97 -20.47
N LYS A 685 -39.97 10.37 -20.66
CA LYS A 685 -40.82 10.79 -21.78
C LYS A 685 -41.11 12.29 -21.70
N GLY A 686 -40.88 13.00 -22.79
CA GLY A 686 -41.11 14.42 -22.84
C GLY A 686 -40.03 15.26 -22.20
N LYS A 687 -38.94 14.65 -21.75
CA LYS A 687 -37.84 15.37 -21.13
C LYS A 687 -36.64 15.38 -22.06
N ASP A 688 -35.82 16.41 -21.94
CA ASP A 688 -34.55 16.47 -22.65
C ASP A 688 -33.47 15.90 -21.73
N VAL A 689 -32.72 14.93 -22.23
CA VAL A 689 -31.77 14.16 -21.43
C VAL A 689 -30.36 14.41 -21.96
N VAL A 690 -29.44 14.79 -21.08
CA VAL A 690 -28.03 14.92 -21.48
C VAL A 690 -27.22 13.91 -20.70
N SER A 691 -26.02 13.64 -21.21
CA SER A 691 -25.21 12.61 -20.60
C SER A 691 -24.97 12.92 -19.12
N PRO A 692 -24.94 11.89 -18.27
CA PRO A 692 -24.47 12.08 -16.88
C PRO A 692 -23.07 12.64 -16.80
N LEU A 693 -22.29 12.52 -17.87
CA LEU A 693 -20.94 13.06 -17.89
C LEU A 693 -20.91 14.59 -17.96
N ARG A 694 -22.01 15.23 -18.36
CA ARG A 694 -22.03 16.68 -18.41
C ARG A 694 -22.10 17.24 -16.99
N SER A 695 -21.57 18.45 -16.82
CA SER A 695 -21.55 19.11 -15.51
C SER A 695 -21.56 20.62 -15.72
N ALA A 696 -21.98 21.33 -14.68
CA ALA A 696 -21.99 22.79 -14.73
C ALA A 696 -20.62 23.39 -14.50
N PHE A 697 -19.71 22.66 -13.87
CA PHE A 697 -18.39 23.14 -13.54
C PHE A 697 -17.49 21.95 -13.27
CA CA B . 5.26 6.97 23.71
C1 PEG C . 1.55 -7.50 32.28
O1 PEG C . 2.02 -8.80 32.52
C2 PEG C . 0.96 -6.83 33.51
O2 PEG C . 1.87 -6.01 34.18
C3 PEG C . 1.32 -5.19 35.18
C4 PEG C . 0.30 -5.98 36.03
O4 PEG C . -0.33 -5.17 36.98
C1 PEG D . 10.36 13.49 -4.00
O1 PEG D . 11.53 13.78 -4.69
C2 PEG D . 10.31 12.00 -3.68
O2 PEG D . 10.33 11.30 -4.89
C3 PEG D . 10.00 9.95 -4.74
C4 PEG D . 10.17 9.23 -6.07
O4 PEG D . 11.53 9.17 -6.39
C1 PEG E . -25.34 -17.03 -8.42
O1 PEG E . -26.40 -16.13 -8.60
C2 PEG E . -25.78 -18.39 -7.87
O2 PEG E . -24.72 -19.30 -7.86
C3 PEG E . -24.87 -20.42 -7.03
C4 PEG E . -25.82 -21.45 -7.65
O4 PEG E . -26.01 -21.17 -9.01
C1 PEG F . 16.63 -12.79 24.09
O1 PEG F . 15.87 -12.30 23.03
C2 PEG F . 17.21 -11.61 24.89
O2 PEG F . 16.23 -11.07 25.72
C3 PEG F . 16.71 -9.97 26.42
C4 PEG F . 15.56 -9.29 27.16
O4 PEG F . 15.15 -10.14 28.20
C1 PEG G . 28.12 6.16 -5.83
O1 PEG G . 29.46 6.44 -6.13
C2 PEG G . 27.43 5.75 -7.14
O2 PEG G . 26.14 6.31 -7.24
C3 PEG G . 25.43 6.25 -8.46
C4 PEG G . 25.80 5.06 -9.36
O4 PEG G . 24.71 4.35 -9.88
C1 PEG H . 24.63 0.72 -13.18
O1 PEG H . 25.22 1.97 -13.13
C2 PEG H . 23.75 0.54 -11.95
O2 PEG H . 22.48 0.26 -12.44
C3 PEG H . 21.29 0.53 -11.75
C4 PEG H . 20.12 0.66 -12.74
O4 PEG H . 19.08 1.54 -12.43
C1 PEG I . 24.30 -17.31 -2.35
O1 PEG I . 24.53 -16.36 -1.36
C2 PEG I . 22.78 -17.49 -2.32
O2 PEG I . 22.29 -16.50 -1.46
C3 PEG I . 20.92 -16.62 -1.27
C4 PEG I . 20.47 -15.47 -0.40
O4 PEG I . 21.06 -15.60 0.86
C4' 8FL J . -2.79 8.41 14.63
C5' 8FL J . -3.57 8.74 15.78
C6' 8FL J . -4.53 7.83 16.13
N1' 8FL J . -4.72 6.67 15.40
N3' 8FL J . -2.96 7.22 13.96
C2' 8FL J . -3.93 6.41 14.35
CM4 8FL J . -2.96 8.81 19.22
CM2 8FL J . -4.20 5.19 13.59
C7 8FL J . 1.11 8.31 19.81
C6 8FL J . 0.03 9.33 20.10
C7' 8FL J . -3.47 10.01 16.54
C4 8FL J . -1.90 9.57 18.44
C5 8FL J . -0.63 9.75 18.83
C2 8FL J . -1.14 10.93 16.71
N4' 8FL J . -1.85 9.23 14.20
N3 8FL J . -2.20 10.17 17.26
O3B 8FL J . 6.05 8.83 22.14
O1A 8FL J . 3.29 6.57 19.72
OC2 8FL J . -0.84 10.21 15.61
O2B 8FL J . 4.01 10.10 22.72
O1B 8FL J . 5.28 10.85 20.80
O2A 8FL J . 3.60 6.86 22.19
O7 8FL J . 1.77 8.00 21.06
O3A 8FL J . 4.08 8.73 20.61
PB 8FL J . 4.99 9.65 21.57
PA 8FL J . 3.25 7.41 20.91
S1 8FL J . 0.28 10.66 17.70
#